data_8EZK
#
_entry.id   8EZK
#
_cell.length_a   68.250
_cell.length_b   91.720
_cell.length_c   122.100
_cell.angle_alpha   90.000
_cell.angle_beta   90.000
_cell.angle_gamma   90.000
#
_symmetry.space_group_name_H-M   'P 21 21 21'
#
loop_
_entity.id
_entity.type
_entity.pdbx_description
1 polymer '25 kDa ookinete surface antigen'
2 polymer 'Transmission-reducing antibody AS01-4, single-chain Fv'
3 water water
#
loop_
_entity_poly.entity_id
_entity_poly.type
_entity_poly.pdbx_seq_one_letter_code
_entity_poly.pdbx_strand_id
1 'polypeptide(L)'
;TGKVTVDTVCKRGFLIQMSGHLECKCENDLVLVNEETCEEKVLKCDEKTVNKPCGDFSKCIKIDGNPVSYACKCNLGYDM
VNNVCIPNECKQVTCGNGKCILDTSNPVKTGVCSCNIGKVPNVQDQNKCSKDGETKCSLKCLKEQETCKAVDGIYKCDCK
DGFIIDQESSICTGTKHHHHHH
;
A,B
2 'polypeptide(L)'
;TGQVQLQESGPGLVKPSETLSLTCTVSGFSISSSYYWDWIRQPPGKGLEWIGNIHHTGATYYNPSLKSRVTISIDTANNQ
FSLRLRSVTAADAAVYYCARGGMGTTKRGWFDPWGQGTLVTVSSGGGGSGGGGSGGGGSGGGGSQSVLTQPPSASGTPGQ
RVTISCSGSSSNIRVNYVYWYQQIPGTAPKLLIYRNDQRPSGVPDRFSASKSGTSASLAISGLRSQDEADYYCAAWDDSL
TGPVFGGGTKLTVLGTKHHHHHH
;
H,I
#
# COMPACT_ATOMS: atom_id res chain seq x y z
N GLY A 2 -3.80 -6.81 9.23
CA GLY A 2 -5.03 -6.19 9.78
C GLY A 2 -4.73 -5.09 10.79
N LYS A 3 -3.52 -5.11 11.34
CA LYS A 3 -3.13 -4.08 12.31
C LYS A 3 -3.07 -2.73 11.62
N VAL A 4 -3.58 -1.71 12.29
CA VAL A 4 -3.46 -0.34 11.81
C VAL A 4 -2.15 0.22 12.34
N THR A 5 -1.25 0.57 11.44
CA THR A 5 0.07 1.05 11.79
C THR A 5 0.25 2.47 11.26
N VAL A 6 1.39 3.06 11.57
CA VAL A 6 1.66 4.41 11.10
C VAL A 6 1.82 4.43 9.58
N ASP A 7 2.14 3.30 8.96
CA ASP A 7 2.30 3.23 7.52
C ASP A 7 1.00 2.97 6.78
N THR A 8 -0.06 2.59 7.49
CA THR A 8 -1.35 2.33 6.86
C THR A 8 -1.89 3.60 6.23
N VAL A 9 -2.43 3.47 5.02
CA VAL A 9 -3.22 4.53 4.39
C VAL A 9 -4.68 4.24 4.69
N CYS A 10 -5.34 5.16 5.39
CA CYS A 10 -6.78 5.06 5.59
C CYS A 10 -7.44 5.57 4.32
N LYS A 11 -8.04 4.67 3.55
CA LYS A 11 -8.62 5.05 2.27
C LYS A 11 -9.84 5.94 2.48
N ARG A 12 -9.86 7.07 1.78
CA ARG A 12 -10.86 8.12 1.98
C ARG A 12 -10.95 8.53 3.44
N GLY A 13 -9.81 8.55 4.12
CA GLY A 13 -9.79 8.90 5.52
C GLY A 13 -8.44 9.42 5.98
N PHE A 14 -8.21 9.29 7.29
CA PHE A 14 -6.99 9.78 7.93
C PHE A 14 -6.78 9.02 9.23
N LEU A 15 -5.52 8.99 9.68
CA LEU A 15 -5.15 8.26 10.89
C LEU A 15 -5.31 9.14 12.12
N ILE A 16 -5.64 8.50 13.25
CA ILE A 16 -5.60 9.15 14.55
C ILE A 16 -4.94 8.18 15.52
N GLN A 17 -4.43 8.73 16.62
CA GLN A 17 -3.69 7.97 17.62
C GLN A 17 -4.23 8.28 19.00
N MET A 18 -4.40 7.23 19.80
CA MET A 18 -4.75 7.33 21.21
C MET A 18 -3.67 6.62 22.01
N SER A 19 -3.74 6.78 23.34
CA SER A 19 -2.61 6.45 24.19
C SER A 19 -2.03 5.08 23.89
N GLY A 20 -2.81 4.18 23.29
CA GLY A 20 -2.32 2.84 23.05
C GLY A 20 -2.68 2.21 21.72
N HIS A 21 -3.07 3.01 20.72
CA HIS A 21 -3.37 2.41 19.43
C HIS A 21 -3.59 3.49 18.38
N LEU A 22 -3.70 3.04 17.13
CA LEU A 22 -4.02 3.88 15.98
C LEU A 22 -5.31 3.39 15.35
N GLU A 23 -6.08 4.31 14.79
CA GLU A 23 -7.29 3.92 14.08
C GLU A 23 -7.59 4.91 12.96
N CYS A 24 -8.40 4.45 12.01
CA CYS A 24 -8.80 5.25 10.87
C CYS A 24 -10.10 5.99 11.16
N LYS A 25 -10.13 7.27 10.79
CA LYS A 25 -11.34 8.07 10.75
C LYS A 25 -11.63 8.46 9.31
N CYS A 26 -12.87 8.85 9.04
CA CYS A 26 -13.33 9.07 7.68
C CYS A 26 -13.41 10.56 7.35
N GLU A 27 -13.24 10.87 6.08
CA GLU A 27 -13.51 12.21 5.58
C GLU A 27 -15.02 12.43 5.50
N ASN A 28 -15.41 13.71 5.55
CA ASN A 28 -16.81 14.10 5.52
C ASN A 28 -17.65 13.14 6.35
N ASP A 29 -18.77 12.66 5.80
CA ASP A 29 -19.67 11.76 6.50
C ASP A 29 -19.64 10.35 5.94
N LEU A 30 -18.51 9.94 5.39
CA LEU A 30 -18.31 8.55 5.01
C LEU A 30 -18.23 7.68 6.28
N VAL A 31 -18.35 6.38 6.09
CA VAL A 31 -18.35 5.44 7.21
C VAL A 31 -17.31 4.37 6.97
N LEU A 32 -16.77 3.84 8.07
CA LEU A 32 -15.81 2.75 7.98
C LEU A 32 -16.53 1.47 7.59
N VAL A 33 -15.98 0.77 6.60
CA VAL A 33 -16.44 -0.57 6.25
C VAL A 33 -15.48 -1.65 6.72
N ASN A 34 -14.19 -1.33 6.84
CA ASN A 34 -13.21 -2.13 7.58
C ASN A 34 -12.28 -1.13 8.26
N GLU A 35 -11.25 -1.64 8.93
CA GLU A 35 -10.44 -0.77 9.77
C GLU A 35 -9.62 0.25 8.98
N GLU A 36 -9.49 0.07 7.66
CA GLU A 36 -8.66 0.96 6.86
C GLU A 36 -9.40 1.53 5.64
N THR A 37 -10.72 1.37 5.56
CA THR A 37 -11.46 1.79 4.38
C THR A 37 -12.73 2.54 4.77
N CYS A 38 -12.92 3.71 4.18
CA CYS A 38 -14.12 4.51 4.33
C CYS A 38 -14.89 4.56 3.01
N GLU A 39 -16.22 4.53 3.10
CA GLU A 39 -17.06 4.52 1.92
C GLU A 39 -18.26 5.43 2.14
N GLU A 40 -18.87 5.84 1.03
CA GLU A 40 -20.09 6.62 1.10
C GLU A 40 -21.18 5.80 1.77
N LYS A 41 -21.91 6.43 2.69
CA LYS A 41 -22.97 5.74 3.41
C LYS A 41 -24.31 5.94 2.70
N VAL A 42 -25.20 4.96 2.87
CA VAL A 42 -26.57 5.09 2.43
C VAL A 42 -27.37 5.77 3.53
N LEU A 43 -28.38 6.53 3.14
CA LEU A 43 -29.25 7.22 4.08
C LEU A 43 -30.51 6.43 4.40
N LYS A 44 -30.84 5.41 3.61
CA LYS A 44 -32.00 4.58 3.87
C LYS A 44 -31.69 3.12 3.60
N CYS A 45 -32.11 2.26 4.51
CA CYS A 45 -32.02 0.82 4.30
C CYS A 45 -33.33 0.32 3.69
N ASP A 46 -33.24 -0.36 2.55
CA ASP A 46 -34.38 -1.03 1.95
C ASP A 46 -33.81 -2.13 1.05
N GLU A 47 -34.68 -2.75 0.25
CA GLU A 47 -34.27 -3.94 -0.49
C GLU A 47 -33.05 -3.66 -1.36
N LYS A 48 -33.03 -2.49 -2.02
CA LYS A 48 -32.00 -2.19 -3.02
C LYS A 48 -30.66 -1.81 -2.41
N THR A 49 -30.62 -1.48 -1.11
CA THR A 49 -29.38 -1.10 -0.45
C THR A 49 -28.92 -2.13 0.57
N VAL A 50 -29.46 -3.35 0.51
CA VAL A 50 -29.03 -4.39 1.43
C VAL A 50 -27.56 -4.69 1.19
N ASN A 51 -26.81 -4.83 2.28
CA ASN A 51 -25.37 -5.07 2.30
C ASN A 51 -24.55 -3.84 1.92
N LYS A 52 -25.18 -2.66 1.87
CA LYS A 52 -24.44 -1.43 1.62
C LYS A 52 -24.11 -0.75 2.94
N PRO A 53 -23.04 0.04 3.01
CA PRO A 53 -22.67 0.67 4.27
C PRO A 53 -23.72 1.67 4.73
N CYS A 54 -24.06 1.59 6.02
CA CYS A 54 -24.96 2.55 6.65
C CYS A 54 -24.34 3.21 7.86
N GLY A 55 -23.23 2.66 8.38
CA GLY A 55 -22.56 3.25 9.52
C GLY A 55 -21.22 2.58 9.69
N ASP A 56 -20.47 3.04 10.68
CA ASP A 56 -19.17 2.45 10.97
C ASP A 56 -19.34 0.97 11.30
N PHE A 57 -18.72 0.12 10.48
CA PHE A 57 -18.78 -1.32 10.66
C PHE A 57 -20.21 -1.82 10.76
N SER A 58 -21.09 -1.21 9.97
CA SER A 58 -22.49 -1.63 9.95
C SER A 58 -23.01 -1.54 8.52
N LYS A 59 -23.96 -2.40 8.21
CA LYS A 59 -24.54 -2.46 6.87
C LYS A 59 -26.02 -2.71 6.98
N CYS A 60 -26.73 -2.38 5.89
CA CYS A 60 -28.15 -2.62 5.84
C CYS A 60 -28.39 -4.12 5.72
N ILE A 61 -29.31 -4.63 6.52
CA ILE A 61 -29.70 -6.03 6.49
C ILE A 61 -31.22 -6.10 6.49
N LYS A 62 -31.72 -7.22 5.99
CA LYS A 62 -33.15 -7.46 5.94
C LYS A 62 -33.53 -8.16 7.22
N ILE A 63 -34.62 -7.72 7.83
CA ILE A 63 -35.14 -8.32 9.05
C ILE A 63 -36.44 -8.99 8.64
N ASP A 64 -36.41 -10.32 8.61
CA ASP A 64 -37.58 -11.07 8.20
C ASP A 64 -38.65 -11.00 9.29
N GLY A 65 -39.90 -11.15 8.90
CA GLY A 65 -40.98 -11.14 9.84
C GLY A 65 -42.27 -10.66 9.19
N ASN A 66 -43.17 -10.19 10.05
CA ASN A 66 -44.49 -9.73 9.65
C ASN A 66 -44.72 -8.36 10.29
N PRO A 67 -44.36 -7.27 9.61
CA PRO A 67 -43.83 -7.15 8.25
C PRO A 67 -42.32 -7.36 8.14
N VAL A 68 -41.84 -7.56 6.92
CA VAL A 68 -40.40 -7.48 6.68
C VAL A 68 -39.96 -6.03 6.84
N SER A 69 -38.83 -5.84 7.53
CA SER A 69 -38.24 -4.52 7.67
C SER A 69 -36.80 -4.54 7.15
N TYR A 70 -36.18 -3.36 7.10
CA TYR A 70 -34.78 -3.25 6.76
C TYR A 70 -34.11 -2.36 7.80
N ALA A 71 -32.97 -2.80 8.33
CA ALA A 71 -32.35 -2.11 9.44
C ALA A 71 -30.84 -2.02 9.20
N CYS A 72 -30.16 -1.22 10.02
CA CYS A 72 -28.71 -1.06 9.93
C CYS A 72 -28.09 -1.83 11.09
N LYS A 73 -27.44 -2.94 10.78
CA LYS A 73 -26.93 -3.85 11.80
C LYS A 73 -25.42 -3.99 11.67
N CYS A 74 -24.79 -4.21 12.82
CA CYS A 74 -23.34 -4.29 12.89
C CYS A 74 -22.80 -5.52 12.16
N ASN A 75 -21.63 -5.34 11.57
CA ASN A 75 -20.96 -6.44 10.89
C ASN A 75 -20.62 -7.55 11.88
N LEU A 76 -20.14 -8.66 11.33
CA LEU A 76 -19.74 -9.79 12.16
C LEU A 76 -18.62 -9.38 13.09
N GLY A 77 -18.66 -9.87 14.33
CA GLY A 77 -17.68 -9.52 15.32
C GLY A 77 -18.03 -8.32 16.18
N TYR A 78 -19.10 -7.62 15.85
CA TYR A 78 -19.50 -6.42 16.56
C TYR A 78 -20.91 -6.56 17.12
N ASP A 79 -21.19 -5.74 18.13
CA ASP A 79 -22.50 -5.64 18.73
C ASP A 79 -22.89 -4.17 18.83
N MET A 80 -24.19 -3.92 18.74
CA MET A 80 -24.74 -2.57 18.80
C MET A 80 -24.95 -2.23 20.28
N VAL A 81 -24.19 -1.26 20.77
CA VAL A 81 -24.36 -0.70 22.10
C VAL A 81 -24.53 0.80 21.93
N ASN A 82 -25.64 1.33 22.42
CA ASN A 82 -25.97 2.75 22.24
C ASN A 82 -25.88 3.14 20.77
N ASN A 83 -26.36 2.25 19.90
CA ASN A 83 -26.36 2.50 18.45
C ASN A 83 -24.95 2.67 17.89
N VAL A 84 -23.96 2.07 18.54
CA VAL A 84 -22.57 2.10 18.08
C VAL A 84 -22.06 0.67 18.00
N CYS A 85 -21.34 0.34 16.93
CA CYS A 85 -20.80 -1.00 16.75
C CYS A 85 -19.47 -1.13 17.48
N ILE A 86 -19.47 -1.87 18.59
CA ILE A 86 -18.24 -2.12 19.34
C ILE A 86 -17.85 -3.59 19.21
N PRO A 87 -16.57 -3.93 19.38
CA PRO A 87 -16.19 -5.36 19.32
C PRO A 87 -16.93 -6.15 20.38
N ASN A 88 -17.23 -7.41 20.07
CA ASN A 88 -17.94 -8.26 21.02
C ASN A 88 -17.22 -8.30 22.37
N GLU A 89 -15.90 -8.47 22.36
CA GLU A 89 -15.12 -8.58 23.59
C GLU A 89 -15.13 -7.30 24.39
N CYS A 90 -15.52 -6.19 23.78
CA CYS A 90 -15.63 -4.92 24.49
C CYS A 90 -17.03 -4.69 25.05
N LYS A 91 -17.95 -5.65 24.86
CA LYS A 91 -19.30 -5.53 25.38
C LYS A 91 -19.25 -5.12 26.85
N GLN A 92 -19.96 -4.04 27.15
CA GLN A 92 -20.03 -3.46 28.48
C GLN A 92 -18.65 -3.45 29.13
N VAL A 93 -17.72 -2.75 28.49
CA VAL A 93 -16.42 -2.46 29.07
C VAL A 93 -16.32 -0.94 29.14
N THR A 94 -16.11 -0.43 30.35
CA THR A 94 -15.96 1.00 30.58
C THR A 94 -14.50 1.33 30.84
N CYS A 95 -13.99 2.31 30.10
CA CYS A 95 -12.59 2.69 30.17
C CYS A 95 -12.40 4.10 30.72
N GLY A 96 -13.48 4.80 31.05
CA GLY A 96 -13.32 6.17 31.48
C GLY A 96 -12.91 7.05 30.31
N ASN A 97 -11.80 7.77 30.47
CA ASN A 97 -11.32 8.71 29.46
C ASN A 97 -10.60 7.95 28.34
N GLY A 98 -11.36 7.14 27.64
CA GLY A 98 -10.80 6.32 26.58
C GLY A 98 -11.85 5.39 26.01
N LYS A 99 -11.38 4.40 25.25
CA LYS A 99 -12.26 3.43 24.61
C LYS A 99 -11.64 2.04 24.71
N CYS A 100 -12.51 1.03 24.56
CA CYS A 100 -12.08 -0.36 24.57
C CYS A 100 -11.72 -0.79 23.15
N ILE A 101 -10.63 -1.55 23.04
CA ILE A 101 -10.11 -2.01 21.77
C ILE A 101 -9.65 -3.45 21.95
N LEU A 102 -9.36 -4.12 20.84
CA LEU A 102 -8.75 -5.43 20.88
C LEU A 102 -7.23 -5.30 20.85
N ASP A 103 -6.57 -6.23 21.51
CA ASP A 103 -5.12 -6.20 21.67
C ASP A 103 -4.43 -7.21 20.74
N THR A 104 -3.82 -6.70 19.67
CA THR A 104 -2.94 -7.52 18.85
C THR A 104 -1.54 -7.67 19.45
N SER A 105 -1.36 -7.33 20.72
CA SER A 105 -0.17 -7.76 21.45
C SER A 105 -0.43 -9.00 22.27
N ASN A 106 -1.67 -9.17 22.74
CA ASN A 106 -2.21 -10.41 23.29
C ASN A 106 -3.16 -10.95 22.23
N PRO A 107 -2.69 -11.76 21.25
CA PRO A 107 -3.54 -12.15 20.12
C PRO A 107 -4.52 -13.27 20.46
N VAL A 108 -5.27 -13.07 21.55
CA VAL A 108 -6.14 -14.10 22.11
C VAL A 108 -7.55 -13.56 22.30
N LYS A 109 -7.90 -12.47 21.60
CA LYS A 109 -9.19 -11.80 21.76
C LYS A 109 -9.35 -11.22 23.17
N THR A 110 -8.63 -10.13 23.40
CA THR A 110 -8.66 -9.44 24.68
C THR A 110 -9.11 -8.00 24.50
N GLY A 111 -10.04 -7.57 25.35
CA GLY A 111 -10.48 -6.19 25.39
C GLY A 111 -9.64 -5.37 26.37
N VAL A 112 -8.93 -4.37 25.85
CA VAL A 112 -8.08 -3.51 26.66
C VAL A 112 -8.56 -2.06 26.49
N CYS A 113 -8.03 -1.18 27.33
CA CYS A 113 -8.39 0.24 27.28
C CYS A 113 -7.27 1.03 26.61
N SER A 114 -7.64 1.82 25.60
CA SER A 114 -6.74 2.79 24.98
C SER A 114 -7.31 4.17 25.31
N CYS A 115 -6.44 5.08 25.75
CA CYS A 115 -6.89 6.26 26.47
C CYS A 115 -6.72 7.53 25.66
N ASN A 116 -7.57 8.51 25.96
CA ASN A 116 -7.43 9.84 25.41
C ASN A 116 -6.04 10.38 25.69
N ILE A 117 -5.51 11.13 24.72
CA ILE A 117 -4.17 11.68 24.87
C ILE A 117 -4.18 12.56 26.12
N GLY A 118 -3.20 12.34 26.98
CA GLY A 118 -3.14 12.99 28.28
C GLY A 118 -3.52 12.07 29.42
N LYS A 119 -3.96 10.85 29.11
CA LYS A 119 -4.30 9.82 30.08
C LYS A 119 -3.62 8.52 29.66
N VAL A 120 -3.39 7.65 30.65
CA VAL A 120 -2.80 6.34 30.40
C VAL A 120 -3.53 5.32 31.26
N PRO A 121 -3.48 4.05 30.88
CA PRO A 121 -4.14 3.03 31.69
C PRO A 121 -3.60 3.03 33.11
N ASN A 122 -4.47 2.81 34.07
CA ASN A 122 -4.16 2.90 35.49
C ASN A 122 -4.27 1.49 36.08
N VAL A 123 -3.14 0.91 36.46
CA VAL A 123 -3.14 -0.47 36.94
C VAL A 123 -3.91 -0.58 38.25
N GLN A 124 -3.98 0.51 39.02
CA GLN A 124 -4.74 0.49 40.28
C GLN A 124 -6.24 0.57 40.07
N ASP A 125 -6.70 1.01 38.89
CA ASP A 125 -8.11 1.21 38.61
C ASP A 125 -8.59 0.24 37.53
N GLN A 126 -8.09 -1.00 37.56
CA GLN A 126 -8.51 -2.03 36.62
C GLN A 126 -8.15 -1.64 35.18
N ASN A 127 -7.00 -1.01 35.02
CA ASN A 127 -6.47 -0.60 33.72
C ASN A 127 -7.40 0.40 33.02
N LYS A 128 -8.21 1.12 33.78
CA LYS A 128 -9.03 2.18 33.23
C LYS A 128 -8.20 3.44 33.01
N CYS A 129 -8.75 4.35 32.23
CA CYS A 129 -8.05 5.56 31.80
C CYS A 129 -8.26 6.68 32.83
N SER A 130 -7.73 6.45 34.02
CA SER A 130 -7.91 7.36 35.15
C SER A 130 -6.59 7.89 35.70
N LYS A 131 -5.47 7.57 35.09
CA LYS A 131 -4.16 8.02 35.54
C LYS A 131 -3.62 9.01 34.51
N ASP A 132 -3.42 10.25 34.94
CA ASP A 132 -2.85 11.25 34.05
C ASP A 132 -1.54 10.74 33.51
N GLY A 133 -1.36 10.85 32.20
CA GLY A 133 -0.19 10.25 31.58
C GLY A 133 0.11 10.82 30.22
N GLU A 134 1.23 10.37 29.66
CA GLU A 134 1.82 10.93 28.46
C GLU A 134 1.88 9.91 27.34
N THR A 135 1.68 10.38 26.11
CA THR A 135 1.81 9.53 24.93
C THR A 135 2.57 10.30 23.88
N LYS A 136 3.44 9.59 23.16
CA LYS A 136 4.26 10.20 22.11
C LYS A 136 3.51 10.08 20.79
N CYS A 137 3.34 11.20 20.08
CA CYS A 137 2.75 11.11 18.76
C CYS A 137 3.76 10.46 17.82
N SER A 138 3.29 9.51 17.01
CA SER A 138 4.16 8.85 16.04
C SER A 138 3.58 8.92 14.64
N LEU A 139 2.62 9.82 14.42
CA LEU A 139 2.04 10.01 13.10
C LEU A 139 3.04 10.70 12.19
N LYS A 140 2.94 10.44 10.88
CA LYS A 140 3.90 11.00 9.93
C LYS A 140 3.54 12.43 9.52
N CYS A 141 2.32 12.63 9.02
CA CYS A 141 1.83 13.96 8.62
C CYS A 141 2.74 14.62 7.57
N LEU A 142 2.71 14.05 6.38
CA LEU A 142 3.56 14.48 5.28
C LEU A 142 2.94 15.57 4.43
N LYS A 143 1.60 15.69 4.41
CA LYS A 143 0.97 16.71 3.60
C LYS A 143 1.46 18.09 4.01
N GLU A 144 1.79 18.92 3.01
CA GLU A 144 2.51 20.15 3.26
C GLU A 144 1.75 21.07 4.20
N GLN A 145 2.48 21.73 5.09
CA GLN A 145 1.88 22.57 6.13
C GLN A 145 0.87 21.81 6.99
N GLU A 146 1.22 20.57 7.36
CA GLU A 146 0.49 19.82 8.37
C GLU A 146 1.50 19.21 9.35
N THR A 147 1.10 19.14 10.62
CA THR A 147 1.88 18.49 11.67
C THR A 147 0.94 17.78 12.63
N CYS A 148 1.50 16.88 13.44
CA CYS A 148 0.72 16.20 14.47
C CYS A 148 0.28 17.19 15.53
N LYS A 149 -1.00 17.14 15.89
CA LYS A 149 -1.54 18.00 16.93
C LYS A 149 -2.48 17.21 17.83
N ALA A 150 -2.51 17.59 19.10
CA ALA A 150 -3.52 17.08 20.04
C ALA A 150 -4.81 17.87 19.84
N VAL A 151 -5.80 17.23 19.22
CA VAL A 151 -7.12 17.83 19.02
C VAL A 151 -8.13 16.91 19.69
N ASP A 152 -8.95 17.48 20.57
CA ASP A 152 -10.03 16.75 21.20
C ASP A 152 -9.52 15.42 21.76
N GLY A 153 -8.40 15.48 22.47
CA GLY A 153 -7.90 14.32 23.17
C GLY A 153 -7.36 13.20 22.30
N ILE A 154 -7.12 13.44 21.01
CA ILE A 154 -6.44 12.48 20.17
C ILE A 154 -5.40 13.20 19.32
N TYR A 155 -4.39 12.45 18.89
CA TYR A 155 -3.38 12.97 17.99
C TYR A 155 -3.88 12.81 16.55
N LYS A 156 -3.77 13.88 15.76
CA LYS A 156 -4.08 13.78 14.34
C LYS A 156 -3.26 14.78 13.56
N CYS A 157 -3.13 14.53 12.26
CA CYS A 157 -2.50 15.50 11.37
C CYS A 157 -3.43 16.68 11.15
N ASP A 158 -2.96 17.88 11.48
CA ASP A 158 -3.75 19.09 11.32
C ASP A 158 -2.85 20.20 10.80
N CYS A 159 -3.43 21.38 10.59
CA CYS A 159 -2.73 22.49 9.96
C CYS A 159 -1.72 23.13 10.90
N LYS A 160 -0.52 23.41 10.37
CA LYS A 160 0.52 24.08 11.15
C LYS A 160 -0.03 25.37 11.77
N ASP A 161 0.59 25.76 12.90
CA ASP A 161 0.21 27.00 13.57
C ASP A 161 0.27 28.19 12.62
N GLY A 162 -0.80 28.99 12.63
CA GLY A 162 -0.92 30.10 11.70
C GLY A 162 -1.75 29.78 10.47
N PHE A 163 -2.18 28.53 10.33
CA PHE A 163 -2.91 28.05 9.16
C PHE A 163 -4.28 27.53 9.58
N ILE A 164 -5.24 27.64 8.66
CA ILE A 164 -6.61 27.22 8.89
C ILE A 164 -7.01 26.25 7.78
N ILE A 165 -7.70 25.17 8.16
CA ILE A 165 -8.17 24.18 7.21
C ILE A 165 -9.37 24.73 6.47
N ASP A 166 -9.33 24.67 5.13
CA ASP A 166 -10.48 25.02 4.30
C ASP A 166 -11.50 23.89 4.34
N GLN A 167 -12.75 24.24 4.63
CA GLN A 167 -13.77 23.20 4.86
C GLN A 167 -14.04 22.39 3.60
N GLU A 168 -14.17 23.05 2.45
CA GLU A 168 -14.65 22.37 1.26
C GLU A 168 -13.60 21.40 0.71
N SER A 169 -12.32 21.77 0.79
CA SER A 169 -11.24 21.00 0.18
C SER A 169 -10.37 20.23 1.16
N SER A 170 -10.42 20.55 2.45
CA SER A 170 -9.49 20.00 3.45
C SER A 170 -8.02 20.38 3.16
N ILE A 171 -7.79 21.57 2.61
CA ILE A 171 -6.45 22.09 2.39
C ILE A 171 -6.15 23.18 3.40
N CYS A 172 -4.99 23.11 4.04
CA CYS A 172 -4.55 24.13 4.99
C CYS A 172 -4.15 25.42 4.30
N THR A 173 -4.81 26.52 4.66
CA THR A 173 -4.54 27.82 4.04
C THR A 173 -4.14 28.84 5.11
N GLY B 2 3.77 7.48 -8.90
CA GLY B 2 3.84 6.02 -9.26
C GLY B 2 4.76 5.74 -10.43
N LYS B 3 5.06 6.78 -11.21
CA LYS B 3 5.95 6.62 -12.36
C LYS B 3 7.36 6.29 -11.91
N VAL B 4 8.00 5.36 -12.64
CA VAL B 4 9.40 5.05 -12.44
C VAL B 4 10.24 5.98 -13.31
N THR B 5 11.10 6.76 -12.67
CA THR B 5 11.89 7.79 -13.35
C THR B 5 13.39 7.51 -13.15
N VAL B 6 14.20 8.41 -13.70
CA VAL B 6 15.65 8.31 -13.51
C VAL B 6 16.05 8.50 -12.06
N ASP B 7 15.24 9.20 -11.28
CA ASP B 7 15.51 9.41 -9.86
C ASP B 7 14.89 8.35 -8.96
N THR B 8 14.08 7.44 -9.50
CA THR B 8 13.51 6.39 -8.69
C THR B 8 14.61 5.52 -8.08
N VAL B 9 14.49 5.25 -6.79
CA VAL B 9 15.33 4.27 -6.11
C VAL B 9 14.56 2.95 -6.06
N CYS B 10 15.10 1.92 -6.69
CA CYS B 10 14.54 0.58 -6.61
C CYS B 10 14.97 -0.06 -5.29
N LYS B 11 14.04 -0.24 -4.36
CA LYS B 11 14.37 -0.77 -3.05
C LYS B 11 14.81 -2.22 -3.15
N ARG B 12 15.96 -2.53 -2.56
CA ARG B 12 16.60 -3.83 -2.69
C ARG B 12 16.73 -4.25 -4.16
N GLY B 13 17.00 -3.28 -5.02
CA GLY B 13 17.13 -3.55 -6.43
C GLY B 13 17.97 -2.50 -7.14
N PHE B 14 17.72 -2.38 -8.45
CA PHE B 14 18.44 -1.45 -9.33
C PHE B 14 17.59 -1.18 -10.55
N LEU B 15 17.83 -0.04 -11.19
CA LEU B 15 17.08 0.38 -12.36
C LEU B 15 17.69 -0.17 -13.65
N ILE B 16 16.83 -0.43 -14.63
CA ILE B 16 17.25 -0.76 -15.98
C ILE B 16 16.42 0.08 -16.95
N GLN B 17 16.95 0.21 -18.16
CA GLN B 17 16.35 1.04 -19.18
C GLN B 17 16.27 0.27 -20.49
N MET B 18 15.13 0.37 -21.15
CA MET B 18 14.92 -0.16 -22.49
C MET B 18 14.45 1.00 -23.39
N SER B 19 14.36 0.71 -24.69
CA SER B 19 14.23 1.77 -25.68
C SER B 19 13.13 2.76 -25.35
N GLY B 20 12.16 2.38 -24.53
CA GLY B 20 11.07 3.29 -24.26
C GLY B 20 10.59 3.33 -22.83
N HIS B 21 11.40 2.88 -21.87
CA HIS B 21 10.94 2.98 -20.50
C HIS B 21 12.05 2.58 -19.53
N LEU B 22 11.77 2.78 -18.25
CA LEU B 22 12.62 2.36 -17.15
C LEU B 22 11.83 1.41 -16.26
N GLU B 23 12.52 0.46 -15.64
CA GLU B 23 11.85 -0.42 -14.69
C GLU B 23 12.86 -0.92 -13.65
N CYS B 24 12.32 -1.38 -12.53
CA CYS B 24 13.12 -1.91 -11.42
C CYS B 24 13.30 -3.41 -11.56
N LYS B 25 14.54 -3.87 -11.36
CA LYS B 25 14.84 -5.28 -11.18
C LYS B 25 15.42 -5.48 -9.79
N CYS B 26 15.41 -6.73 -9.33
CA CYS B 26 15.73 -7.06 -7.96
C CYS B 26 17.13 -7.63 -7.81
N GLU B 27 17.71 -7.42 -6.64
CA GLU B 27 18.95 -8.10 -6.27
C GLU B 27 18.67 -9.58 -5.96
N ASN B 28 19.72 -10.40 -6.08
CA ASN B 28 19.65 -11.83 -5.82
C ASN B 28 18.35 -12.42 -6.36
N ASP B 29 17.62 -13.21 -5.55
CA ASP B 29 16.38 -13.82 -6.01
C ASP B 29 15.16 -13.21 -5.31
N LEU B 30 15.25 -11.94 -4.91
CA LEU B 30 14.08 -11.23 -4.42
C LEU B 30 13.09 -10.98 -5.55
N VAL B 31 11.87 -10.60 -5.17
CA VAL B 31 10.79 -10.42 -6.13
C VAL B 31 10.19 -9.05 -5.96
N LEU B 32 9.63 -8.53 -7.06
CA LEU B 32 8.93 -7.26 -7.01
C LEU B 32 7.60 -7.40 -6.28
N VAL B 33 7.32 -6.46 -5.37
CA VAL B 33 6.01 -6.41 -4.75
C VAL B 33 5.20 -5.22 -5.30
N ASN B 34 5.91 -4.18 -5.72
CA ASN B 34 5.33 -3.09 -6.52
C ASN B 34 6.41 -2.65 -7.50
N GLU B 35 6.15 -1.58 -8.25
CA GLU B 35 7.04 -1.21 -9.34
C GLU B 35 8.41 -0.75 -8.87
N GLU B 36 8.58 -0.39 -7.60
CA GLU B 36 9.85 0.14 -7.11
C GLU B 36 10.36 -0.56 -5.86
N THR B 37 9.79 -1.70 -5.49
CA THR B 37 10.17 -2.36 -4.25
C THR B 37 10.38 -3.85 -4.47
N CYS B 38 11.52 -4.36 -4.02
CA CYS B 38 11.86 -5.77 -4.05
C CYS B 38 11.91 -6.32 -2.64
N GLU B 39 11.42 -7.55 -2.46
CA GLU B 39 11.35 -8.14 -1.14
C GLU B 39 11.72 -9.61 -1.20
N GLU B 40 12.07 -10.16 -0.03
CA GLU B 40 12.34 -11.58 0.08
C GLU B 40 11.08 -12.38 -0.22
N LYS B 41 11.24 -13.41 -1.03
CA LYS B 41 10.13 -14.22 -1.49
C LYS B 41 9.89 -15.36 -0.50
N VAL B 42 8.63 -15.78 -0.42
CA VAL B 42 8.29 -16.98 0.33
C VAL B 42 8.51 -18.18 -0.58
N LEU B 43 8.90 -19.31 0.00
CA LEU B 43 9.17 -20.50 -0.76
C LEU B 43 7.98 -21.45 -0.85
N LYS B 44 7.00 -21.30 0.04
CA LYS B 44 5.80 -22.12 -0.03
C LYS B 44 4.62 -21.29 0.44
N CYS B 45 3.52 -21.37 -0.31
CA CYS B 45 2.27 -20.72 0.08
C CYS B 45 1.48 -21.67 0.95
N ASP B 46 1.13 -21.22 2.14
CA ASP B 46 0.26 -21.97 3.04
C ASP B 46 -0.40 -20.97 3.98
N GLU B 47 -1.02 -21.49 5.03
CA GLU B 47 -1.86 -20.67 5.90
C GLU B 47 -1.12 -19.46 6.46
N LYS B 48 0.11 -19.66 6.92
CA LYS B 48 0.80 -18.59 7.62
C LYS B 48 1.44 -17.56 6.69
N THR B 49 1.52 -17.82 5.39
CA THR B 49 2.16 -16.91 4.45
C THR B 49 1.17 -16.26 3.50
N VAL B 50 -0.12 -16.27 3.85
CA VAL B 50 -1.13 -15.63 3.02
C VAL B 50 -0.82 -14.14 2.93
N ASN B 51 -0.87 -13.60 1.71
CA ASN B 51 -0.56 -12.22 1.40
C ASN B 51 0.93 -11.90 1.45
N LYS B 52 1.80 -12.91 1.48
CA LYS B 52 3.23 -12.65 1.41
C LYS B 52 3.72 -12.80 -0.03
N PRO B 53 4.78 -12.07 -0.40
CA PRO B 53 5.26 -12.13 -1.79
C PRO B 53 5.83 -13.51 -2.10
N CYS B 54 5.41 -14.05 -3.24
CA CYS B 54 5.90 -15.33 -3.73
C CYS B 54 6.50 -15.25 -5.13
N GLY B 55 6.28 -14.15 -5.84
CA GLY B 55 6.85 -13.95 -7.17
C GLY B 55 6.66 -12.51 -7.56
N ASP B 56 7.16 -12.18 -8.75
CA ASP B 56 7.02 -10.81 -9.25
C ASP B 56 5.54 -10.45 -9.34
N PHE B 57 5.13 -9.45 -8.58
CA PHE B 57 3.74 -8.99 -8.57
C PHE B 57 2.77 -10.13 -8.30
N SER B 58 3.13 -11.01 -7.36
CA SER B 58 2.27 -12.12 -6.98
C SER B 58 2.37 -12.36 -5.48
N LYS B 59 1.27 -12.83 -4.89
CA LYS B 59 1.23 -13.09 -3.45
C LYS B 59 0.43 -14.37 -3.20
N CYS B 60 0.62 -14.94 -2.02
CA CYS B 60 -0.10 -16.15 -1.65
C CYS B 60 -1.58 -15.88 -1.35
N ILE B 61 -2.45 -16.76 -1.84
CA ILE B 61 -3.89 -16.70 -1.67
C ILE B 61 -4.38 -18.05 -1.19
N LYS B 62 -5.55 -18.05 -0.54
CA LYS B 62 -6.18 -19.27 -0.07
C LYS B 62 -7.24 -19.78 -1.03
N ILE B 63 -7.29 -21.11 -1.17
CA ILE B 63 -8.32 -21.85 -1.89
C ILE B 63 -9.04 -22.73 -0.87
N ASP B 64 -10.30 -22.42 -0.59
CA ASP B 64 -11.05 -23.25 0.35
C ASP B 64 -11.40 -24.59 -0.28
N GLY B 65 -11.65 -25.57 0.58
CA GLY B 65 -12.11 -26.87 0.16
C GLY B 65 -11.72 -27.92 1.19
N ASN B 66 -11.77 -29.18 0.75
CA ASN B 66 -11.42 -30.32 1.61
C ASN B 66 -10.55 -31.29 0.82
N PRO B 67 -9.22 -31.13 0.89
CA PRO B 67 -8.52 -30.16 1.74
C PRO B 67 -8.47 -28.75 1.14
N VAL B 68 -8.19 -27.77 1.99
CA VAL B 68 -7.86 -26.43 1.52
C VAL B 68 -6.49 -26.46 0.84
N SER B 69 -6.32 -25.65 -0.19
CA SER B 69 -5.01 -25.43 -0.77
C SER B 69 -4.64 -23.96 -0.62
N TYR B 70 -3.38 -23.65 -0.86
CA TYR B 70 -2.90 -22.29 -0.88
C TYR B 70 -2.03 -22.14 -2.13
N ALA B 71 -2.18 -21.03 -2.83
CA ALA B 71 -1.57 -20.85 -4.13
C ALA B 71 -0.88 -19.50 -4.21
N CYS B 72 -0.08 -19.31 -5.25
CA CYS B 72 0.61 -18.04 -5.52
C CYS B 72 -0.08 -17.41 -6.73
N LYS B 73 -0.79 -16.31 -6.51
CA LYS B 73 -1.59 -15.70 -7.56
C LYS B 73 -1.16 -14.26 -7.80
N CYS B 74 -1.32 -13.84 -9.05
CA CYS B 74 -0.89 -12.51 -9.45
C CYS B 74 -1.76 -11.45 -8.79
N ASN B 75 -1.14 -10.32 -8.45
CA ASN B 75 -1.88 -9.22 -7.88
C ASN B 75 -2.93 -8.73 -8.87
N LEU B 76 -3.83 -7.89 -8.39
CA LEU B 76 -4.85 -7.33 -9.25
C LEU B 76 -4.22 -6.51 -10.36
N GLY B 77 -4.78 -6.62 -11.56
CA GLY B 77 -4.24 -5.96 -12.73
C GLY B 77 -3.26 -6.80 -13.53
N TYR B 78 -2.83 -7.94 -13.00
CA TYR B 78 -1.87 -8.82 -13.65
C TYR B 78 -2.49 -10.21 -13.78
N ASP B 79 -2.00 -10.99 -14.73
CA ASP B 79 -2.43 -12.37 -14.90
C ASP B 79 -1.23 -13.26 -15.19
N MET B 80 -1.36 -14.53 -14.80
CA MET B 80 -0.28 -15.51 -14.94
C MET B 80 -0.26 -16.09 -16.35
N VAL B 81 0.78 -15.79 -17.10
CA VAL B 81 1.03 -16.36 -18.42
C VAL B 81 2.44 -16.95 -18.41
N ASN B 82 2.56 -18.22 -18.77
CA ASN B 82 3.84 -18.91 -18.75
C ASN B 82 4.53 -18.75 -17.39
N ASN B 83 3.73 -18.85 -16.33
CA ASN B 83 4.20 -18.76 -14.95
C ASN B 83 4.79 -17.39 -14.61
N VAL B 84 4.41 -16.34 -15.33
CA VAL B 84 4.87 -14.98 -15.06
C VAL B 84 3.66 -14.07 -14.97
N CYS B 85 3.68 -13.15 -14.01
CA CYS B 85 2.58 -12.20 -13.87
C CYS B 85 2.82 -11.06 -14.85
N ILE B 86 2.07 -11.03 -15.94
CA ILE B 86 2.20 -9.96 -16.92
C ILE B 86 0.95 -9.09 -16.81
N PRO B 87 1.04 -7.79 -17.10
CA PRO B 87 -0.13 -6.92 -16.95
C PRO B 87 -1.28 -7.34 -17.84
N ASN B 88 -2.50 -7.10 -17.35
CA ASN B 88 -3.68 -7.39 -18.12
C ASN B 88 -3.61 -6.74 -19.49
N GLU B 89 -3.17 -5.47 -19.52
CA GLU B 89 -3.13 -4.75 -20.77
C GLU B 89 -2.14 -5.35 -21.75
N CYS B 90 -1.15 -6.08 -21.24
CA CYS B 90 -0.13 -6.75 -22.04
C CYS B 90 -0.41 -8.23 -22.26
N LYS B 91 -1.56 -8.73 -21.82
CA LYS B 91 -1.85 -10.16 -21.81
C LYS B 91 -1.38 -10.84 -23.09
N GLN B 92 -1.90 -10.42 -24.24
CA GLN B 92 -1.48 -10.95 -25.54
C GLN B 92 -1.05 -9.78 -26.41
N VAL B 93 0.14 -9.26 -26.12
CA VAL B 93 0.86 -8.32 -26.98
C VAL B 93 2.20 -8.97 -27.33
N THR B 94 2.50 -9.05 -28.63
CA THR B 94 3.79 -9.55 -29.09
C THR B 94 4.64 -8.36 -29.53
N CYS B 95 5.86 -8.27 -28.99
CA CYS B 95 6.72 -7.12 -29.25
C CYS B 95 8.02 -7.45 -29.96
N GLY B 96 8.28 -8.72 -30.27
CA GLY B 96 9.55 -9.07 -30.89
C GLY B 96 10.69 -8.89 -29.91
N ASN B 97 11.73 -8.16 -30.33
CA ASN B 97 12.93 -7.95 -29.52
C ASN B 97 12.64 -6.88 -28.47
N GLY B 98 11.75 -7.23 -27.55
CA GLY B 98 11.35 -6.31 -26.52
C GLY B 98 10.22 -6.91 -25.70
N LYS B 99 9.60 -6.04 -24.90
CA LYS B 99 8.51 -6.46 -24.03
C LYS B 99 7.42 -5.41 -24.05
N CYS B 100 6.23 -5.83 -23.64
CA CYS B 100 5.07 -4.96 -23.54
C CYS B 100 5.06 -4.27 -22.18
N ILE B 101 4.65 -3.00 -22.17
CA ILE B 101 4.67 -2.17 -20.98
C ILE B 101 3.41 -1.33 -20.92
N LEU B 102 3.19 -0.70 -19.77
CA LEU B 102 2.11 0.26 -19.57
C LEU B 102 2.53 1.69 -19.90
N ASP B 103 3.83 1.96 -20.06
CA ASP B 103 4.33 3.26 -20.46
C ASP B 103 3.67 4.41 -19.69
N THR B 104 4.06 4.52 -18.42
CA THR B 104 3.58 5.59 -17.57
C THR B 104 4.30 6.92 -17.83
N SER B 105 5.10 7.02 -18.90
CA SER B 105 5.70 8.28 -19.33
C SER B 105 5.00 8.93 -20.50
N ASN B 106 4.30 8.17 -21.34
CA ASN B 106 3.48 8.76 -22.39
C ASN B 106 2.03 8.78 -21.97
N PRO B 107 1.43 9.96 -21.81
CA PRO B 107 0.11 10.07 -21.15
C PRO B 107 -1.05 9.61 -22.01
N VAL B 108 -0.82 9.07 -23.20
CA VAL B 108 -1.92 8.70 -24.09
C VAL B 108 -1.72 7.29 -24.60
N LYS B 109 -0.76 6.56 -24.01
CA LYS B 109 -0.38 5.25 -24.55
C LYS B 109 -0.13 4.27 -23.42
N THR B 110 -0.89 3.16 -23.43
CA THR B 110 -0.71 2.06 -22.51
C THR B 110 -0.62 0.75 -23.30
N GLY B 111 0.28 -0.14 -22.87
CA GLY B 111 0.33 -1.47 -23.44
C GLY B 111 1.05 -1.49 -24.77
N VAL B 112 2.20 -0.85 -24.83
CA VAL B 112 2.96 -0.75 -26.07
C VAL B 112 4.32 -1.42 -25.89
N CYS B 113 5.09 -1.48 -26.97
CA CYS B 113 6.33 -2.23 -26.99
C CYS B 113 7.52 -1.33 -26.67
N SER B 114 8.34 -1.75 -25.71
CA SER B 114 9.63 -1.16 -25.40
C SER B 114 10.72 -2.19 -25.72
N CYS B 115 11.79 -1.74 -26.37
CA CYS B 115 12.66 -2.64 -27.11
C CYS B 115 14.01 -2.84 -26.43
N ASN B 116 14.61 -4.00 -26.71
CA ASN B 116 16.02 -4.19 -26.38
C ASN B 116 16.81 -3.04 -27.00
N ILE B 117 17.88 -2.63 -26.31
CA ILE B 117 18.52 -1.34 -26.63
C ILE B 117 18.89 -1.24 -28.10
N GLY B 118 19.42 -2.31 -28.68
CA GLY B 118 19.82 -2.25 -30.07
C GLY B 118 18.68 -2.16 -31.06
N LYS B 119 17.43 -2.12 -30.58
CA LYS B 119 16.26 -2.14 -31.45
C LYS B 119 15.35 -0.98 -31.10
N VAL B 120 14.48 -0.61 -32.04
CA VAL B 120 13.51 0.47 -31.81
C VAL B 120 12.17 0.06 -32.40
N PRO B 121 11.08 0.64 -31.91
CA PRO B 121 9.76 0.28 -32.42
C PRO B 121 9.63 0.54 -33.92
N ASN B 122 8.92 -0.34 -34.60
CA ASN B 122 8.76 -0.28 -36.04
C ASN B 122 7.29 0.00 -36.35
N VAL B 123 7.02 1.21 -36.84
CA VAL B 123 5.64 1.61 -37.08
C VAL B 123 5.03 0.83 -38.23
N GLN B 124 5.86 0.36 -39.18
CA GLN B 124 5.33 -0.41 -40.30
C GLN B 124 4.92 -1.82 -39.87
N ASP B 125 5.42 -2.30 -38.73
CA ASP B 125 5.18 -3.64 -38.24
C ASP B 125 4.36 -3.63 -36.95
N GLN B 126 3.38 -2.73 -36.86
CA GLN B 126 2.49 -2.66 -35.71
C GLN B 126 3.26 -2.34 -34.43
N ASN B 127 4.26 -1.46 -34.55
CA ASN B 127 5.05 -0.98 -33.42
C ASN B 127 5.84 -2.08 -32.73
N LYS B 128 6.13 -3.17 -33.44
CA LYS B 128 6.99 -4.21 -32.91
C LYS B 128 8.46 -3.79 -32.98
N CYS B 129 9.29 -4.48 -32.19
CA CYS B 129 10.71 -4.15 -32.08
C CYS B 129 11.51 -4.90 -33.14
N SER B 130 11.25 -4.52 -34.40
CA SER B 130 11.87 -5.19 -35.54
C SER B 130 12.69 -4.26 -36.41
N LYS B 131 12.86 -3.00 -36.01
CA LYS B 131 13.66 -2.01 -36.73
C LYS B 131 14.89 -1.72 -35.88
N ASP B 132 16.05 -2.14 -36.38
CA ASP B 132 17.30 -1.90 -35.67
C ASP B 132 17.48 -0.40 -35.42
N GLY B 133 17.86 -0.05 -34.19
CA GLY B 133 18.00 1.36 -33.85
C GLY B 133 18.80 1.54 -32.57
N GLU B 134 19.07 2.81 -32.27
CA GLU B 134 19.96 3.19 -31.18
C GLU B 134 19.18 4.01 -30.16
N THR B 135 19.55 3.83 -28.89
CA THR B 135 18.97 4.53 -27.75
C THR B 135 20.08 5.02 -26.84
N LYS B 136 19.95 6.22 -26.29
CA LYS B 136 20.93 6.76 -25.37
C LYS B 136 20.51 6.52 -23.93
N CYS B 137 21.43 5.99 -23.14
CA CYS B 137 21.20 5.73 -21.73
C CYS B 137 21.07 7.03 -20.92
N SER B 138 20.12 7.03 -19.98
CA SER B 138 19.92 8.19 -19.10
C SER B 138 19.94 7.82 -17.62
N LEU B 139 20.48 6.66 -17.28
CA LEU B 139 20.52 6.23 -15.88
C LEU B 139 21.58 6.97 -15.07
N LYS B 140 21.27 7.20 -13.79
CA LYS B 140 22.21 7.73 -12.81
C LYS B 140 22.81 6.53 -12.07
N CYS B 141 24.14 6.43 -12.06
CA CYS B 141 24.85 5.31 -11.42
C CYS B 141 25.74 5.82 -10.29
N LEU B 142 25.22 5.77 -9.07
CA LEU B 142 25.88 6.39 -7.93
C LEU B 142 26.97 5.53 -7.29
N LYS B 143 26.95 4.22 -7.48
CA LYS B 143 28.02 3.37 -6.98
C LYS B 143 29.35 3.75 -7.63
N GLU B 144 30.41 3.84 -6.81
CA GLU B 144 31.63 4.53 -7.23
C GLU B 144 32.17 4.00 -8.55
N GLN B 145 32.36 2.69 -8.66
CA GLN B 145 33.04 2.13 -9.82
C GLN B 145 32.05 1.54 -10.81
N GLU B 146 30.91 2.22 -11.00
CA GLU B 146 29.88 1.78 -11.92
C GLU B 146 29.47 2.91 -12.86
N THR B 147 29.15 2.51 -14.09
CA THR B 147 28.67 3.41 -15.13
C THR B 147 27.57 2.71 -15.92
N CYS B 148 26.84 3.49 -16.71
CA CYS B 148 25.84 2.88 -17.57
C CYS B 148 26.53 2.01 -18.62
N LYS B 149 26.05 0.79 -18.78
CA LYS B 149 26.53 -0.14 -19.80
C LYS B 149 25.34 -0.87 -20.41
N ALA B 150 25.49 -1.16 -21.71
CA ALA B 150 24.59 -2.03 -22.44
C ALA B 150 24.97 -3.48 -22.13
N VAL B 151 24.12 -4.16 -21.37
CA VAL B 151 24.30 -5.56 -21.04
C VAL B 151 23.06 -6.30 -21.53
N ASP B 152 23.26 -7.30 -22.38
CA ASP B 152 22.17 -8.18 -22.82
C ASP B 152 20.94 -7.37 -23.25
N GLY B 153 21.19 -6.36 -24.07
CA GLY B 153 20.09 -5.61 -24.65
C GLY B 153 19.32 -4.71 -23.71
N ILE B 154 19.84 -4.45 -22.51
CA ILE B 154 19.27 -3.44 -21.63
C ILE B 154 20.40 -2.58 -21.07
N TYR B 155 20.06 -1.36 -20.68
CA TYR B 155 21.01 -0.50 -20.00
C TYR B 155 20.92 -0.71 -18.50
N LYS B 156 22.07 -0.90 -17.85
CA LYS B 156 22.10 -0.94 -16.40
C LYS B 156 23.43 -0.39 -15.92
N CYS B 157 23.46 -0.04 -14.63
CA CYS B 157 24.72 0.34 -13.99
C CYS B 157 25.57 -0.92 -13.82
N ASP B 158 26.76 -0.92 -14.39
CA ASP B 158 27.65 -2.06 -14.32
C ASP B 158 29.06 -1.56 -14.04
N CYS B 159 29.99 -2.50 -13.93
CA CYS B 159 31.34 -2.15 -13.52
C CYS B 159 32.05 -1.40 -14.64
N LYS B 160 32.70 -0.29 -14.29
CA LYS B 160 33.49 0.44 -15.28
C LYS B 160 34.50 -0.50 -15.91
N ASP B 161 34.92 -0.19 -17.13
CA ASP B 161 35.95 -0.99 -17.77
C ASP B 161 37.16 -1.06 -16.85
N GLY B 162 37.70 -2.25 -16.67
CA GLY B 162 38.77 -2.52 -15.74
C GLY B 162 38.34 -3.10 -14.42
N PHE B 163 37.05 -3.17 -14.14
CA PHE B 163 36.51 -3.69 -12.90
C PHE B 163 35.59 -4.87 -13.19
N ILE B 164 35.58 -5.84 -12.28
CA ILE B 164 34.76 -7.04 -12.40
C ILE B 164 33.91 -7.17 -11.15
N ILE B 165 32.65 -7.57 -11.32
CA ILE B 165 31.74 -7.66 -10.19
C ILE B 165 32.11 -8.88 -9.36
N ASP B 166 32.31 -8.68 -8.06
CA ASP B 166 32.42 -9.81 -7.15
C ASP B 166 31.02 -10.39 -6.96
N GLN B 167 30.90 -11.71 -7.14
CA GLN B 167 29.58 -12.32 -7.13
C GLN B 167 28.89 -12.16 -5.79
N GLU B 168 29.64 -12.32 -4.69
CA GLU B 168 29.02 -12.33 -3.37
C GLU B 168 28.56 -10.95 -2.91
N SER B 169 29.32 -9.91 -3.25
CA SER B 169 29.05 -8.59 -2.70
C SER B 169 28.33 -7.66 -3.66
N SER B 170 28.34 -7.96 -4.96
CA SER B 170 27.86 -7.05 -5.98
C SER B 170 28.62 -5.73 -5.92
N ILE B 171 29.89 -5.79 -5.51
CA ILE B 171 30.79 -4.63 -5.52
C ILE B 171 31.72 -4.77 -6.71
N CYS B 172 31.80 -3.72 -7.52
CA CYS B 172 32.77 -3.70 -8.61
C CYS B 172 34.15 -3.49 -8.01
N THR B 173 35.02 -4.48 -8.19
CA THR B 173 36.34 -4.50 -7.58
C THR B 173 37.42 -4.63 -8.64
N GLY B 174 38.66 -4.72 -8.16
CA GLY B 174 39.81 -5.01 -9.01
C GLY B 174 40.31 -6.42 -8.77
N GLY C 2 -7.79 28.33 -5.13
CA GLY C 2 -7.27 28.83 -6.44
C GLY C 2 -8.19 28.56 -7.61
N GLN C 3 -7.62 28.58 -8.82
CA GLN C 3 -8.38 28.42 -10.04
C GLN C 3 -8.22 26.99 -10.57
N VAL C 4 -8.93 26.06 -9.94
CA VAL C 4 -8.89 24.69 -10.39
C VAL C 4 -9.33 24.62 -11.84
N GLN C 5 -8.50 24.02 -12.68
CA GLN C 5 -8.83 23.72 -14.07
C GLN C 5 -8.36 22.31 -14.37
N LEU C 6 -9.08 21.64 -15.27
CA LEU C 6 -8.80 20.26 -15.61
C LEU C 6 -8.60 20.15 -17.11
N GLN C 7 -7.63 19.32 -17.52
CA GLN C 7 -7.36 19.14 -18.94
C GLN C 7 -7.06 17.69 -19.25
N GLU C 8 -7.79 17.13 -20.22
CA GLU C 8 -7.57 15.76 -20.68
C GLU C 8 -6.54 15.72 -21.80
N SER C 9 -5.79 14.62 -21.82
CA SER C 9 -4.87 14.31 -22.89
C SER C 9 -5.08 12.83 -23.21
N GLY C 10 -5.13 12.51 -24.49
CA GLY C 10 -5.35 11.15 -24.91
C GLY C 10 -5.04 10.95 -26.37
N PRO C 11 -5.03 9.70 -26.80
CA PRO C 11 -4.90 9.43 -28.24
C PRO C 11 -6.14 9.91 -28.94
N GLY C 12 -6.00 10.23 -30.22
CA GLY C 12 -7.17 10.61 -30.97
C GLY C 12 -7.85 9.39 -31.56
N LEU C 13 -7.07 8.34 -31.77
CA LEU C 13 -7.55 7.15 -32.44
C LEU C 13 -6.94 5.93 -31.76
N VAL C 14 -7.77 4.92 -31.52
CA VAL C 14 -7.31 3.65 -30.97
C VAL C 14 -7.83 2.53 -31.86
N LYS C 15 -7.09 1.45 -31.88
CA LYS C 15 -7.54 0.31 -32.68
C LYS C 15 -8.35 -0.64 -31.81
N PRO C 16 -9.28 -1.39 -32.39
CA PRO C 16 -10.04 -2.36 -31.59
C PRO C 16 -9.11 -3.34 -30.88
N SER C 17 -9.44 -3.64 -29.63
CA SER C 17 -8.73 -4.54 -28.72
C SER C 17 -7.53 -3.88 -28.04
N GLU C 18 -7.18 -2.65 -28.40
CA GLU C 18 -6.14 -1.94 -27.67
C GLU C 18 -6.67 -1.45 -26.32
N THR C 19 -5.75 -0.98 -25.50
CA THR C 19 -6.10 -0.37 -24.21
C THR C 19 -6.02 1.15 -24.38
N LEU C 20 -7.18 1.81 -24.29
CA LEU C 20 -7.22 3.26 -24.30
C LEU C 20 -6.61 3.80 -23.01
N SER C 21 -5.69 4.77 -23.15
CA SER C 21 -5.05 5.42 -22.03
C SER C 21 -5.29 6.91 -22.09
N LEU C 22 -5.81 7.48 -21.02
CA LEU C 22 -6.09 8.91 -20.92
C LEU C 22 -5.48 9.45 -19.65
N THR C 23 -5.18 10.75 -19.65
CA THR C 23 -4.62 11.41 -18.48
C THR C 23 -5.25 12.77 -18.28
N CYS C 24 -5.63 13.07 -17.05
CA CYS C 24 -6.20 14.35 -16.68
C CYS C 24 -5.22 15.07 -15.76
N THR C 25 -4.88 16.30 -16.14
CA THR C 25 -3.99 17.16 -15.36
C THR C 25 -4.83 18.22 -14.68
N VAL C 26 -4.67 18.36 -13.36
CA VAL C 26 -5.38 19.37 -12.58
C VAL C 26 -4.38 20.47 -12.25
N SER C 27 -4.79 21.71 -12.47
CA SER C 27 -3.93 22.86 -12.27
C SER C 27 -4.63 23.90 -11.39
N GLY C 28 -3.83 24.67 -10.68
CA GLY C 28 -4.33 25.70 -9.79
C GLY C 28 -4.91 25.20 -8.49
N PHE C 29 -4.69 23.93 -8.16
CA PHE C 29 -5.37 23.26 -7.06
C PHE C 29 -4.66 21.95 -6.78
N SER C 30 -4.58 21.58 -5.49
CA SER C 30 -3.91 20.34 -5.11
C SER C 30 -4.86 19.15 -5.26
N ILE C 31 -4.43 18.14 -6.02
CA ILE C 31 -5.22 16.94 -6.17
C ILE C 31 -5.34 16.19 -4.85
N SER C 32 -4.43 16.45 -3.91
CA SER C 32 -4.47 15.81 -2.59
C SER C 32 -5.46 16.56 -1.71
N SER C 33 -6.74 16.41 -2.05
CA SER C 33 -7.81 17.15 -1.40
C SER C 33 -9.03 16.25 -1.29
N SER C 34 -9.99 16.67 -0.48
CA SER C 34 -11.18 15.88 -0.19
C SER C 34 -12.17 15.98 -1.36
N TYR C 35 -11.77 15.36 -2.47
CA TYR C 35 -12.62 15.28 -3.65
C TYR C 35 -12.43 13.92 -4.31
N TYR C 36 -13.39 13.57 -5.15
CA TYR C 36 -13.25 12.48 -6.10
C TYR C 36 -12.78 13.03 -7.44
N TRP C 37 -12.00 12.23 -8.15
CA TRP C 37 -11.52 12.60 -9.48
C TRP C 37 -12.12 11.60 -10.45
N ASP C 38 -13.05 12.09 -11.28
CA ASP C 38 -13.99 11.24 -12.00
C ASP C 38 -13.66 11.26 -13.49
N TRP C 39 -13.90 10.11 -14.10
CA TRP C 39 -13.92 9.93 -15.54
C TRP C 39 -15.35 9.60 -15.97
N ILE C 40 -15.82 10.36 -16.95
CA ILE C 40 -17.16 10.30 -17.50
C ILE C 40 -17.01 10.31 -19.01
N ARG C 41 -17.87 9.58 -19.72
CA ARG C 41 -17.76 9.55 -21.17
C ARG C 41 -19.11 9.81 -21.82
N GLN C 42 -19.07 10.08 -23.11
CA GLN C 42 -20.25 10.45 -23.89
C GLN C 42 -20.12 9.93 -25.32
N PRO C 43 -20.84 8.87 -25.70
CA PRO C 43 -20.81 8.45 -27.10
C PRO C 43 -21.25 9.59 -27.99
N PRO C 44 -20.71 9.65 -29.21
CA PRO C 44 -20.86 10.88 -30.02
C PRO C 44 -22.27 11.45 -30.13
N GLY C 45 -23.30 10.64 -29.92
CA GLY C 45 -24.65 11.14 -30.01
C GLY C 45 -25.58 10.62 -28.94
N LYS C 46 -25.03 10.24 -27.81
CA LYS C 46 -25.80 9.72 -26.68
C LYS C 46 -25.52 10.53 -25.42
N GLY C 47 -25.99 10.03 -24.29
CA GLY C 47 -25.88 10.71 -23.03
C GLY C 47 -24.56 10.45 -22.34
N LEU C 48 -24.47 10.97 -21.11
CA LEU C 48 -23.29 10.80 -20.28
C LEU C 48 -23.31 9.44 -19.60
N GLU C 49 -22.12 8.86 -19.43
CA GLU C 49 -21.95 7.60 -18.72
C GLU C 49 -20.77 7.74 -17.77
N TRP C 50 -21.03 7.57 -16.47
CA TRP C 50 -19.96 7.63 -15.49
C TRP C 50 -19.12 6.36 -15.54
N ILE C 51 -17.81 6.53 -15.66
CA ILE C 51 -16.88 5.41 -15.71
C ILE C 51 -16.34 5.08 -14.34
N GLY C 52 -15.86 6.08 -13.62
CA GLY C 52 -15.30 5.80 -12.30
C GLY C 52 -14.67 7.03 -11.70
N ASN C 53 -14.12 6.85 -10.51
CA ASN C 53 -13.41 7.92 -9.83
C ASN C 53 -12.36 7.34 -8.90
N ILE C 54 -11.43 8.19 -8.51
CA ILE C 54 -10.40 7.85 -7.55
C ILE C 54 -10.24 8.97 -6.54
N HIS C 55 -9.87 8.59 -5.31
CA HIS C 55 -9.50 9.50 -4.24
C HIS C 55 -7.99 9.48 -4.10
N HIS C 56 -7.44 10.56 -3.53
CA HIS C 56 -5.98 10.68 -3.48
C HIS C 56 -5.35 9.61 -2.58
N THR C 57 -6.13 8.94 -1.74
CA THR C 57 -5.64 7.81 -0.96
C THR C 57 -5.57 6.52 -1.78
N GLY C 58 -6.02 6.54 -3.03
CA GLY C 58 -5.99 5.38 -3.89
C GLY C 58 -7.30 4.65 -4.01
N ALA C 59 -8.24 4.90 -3.12
CA ALA C 59 -9.55 4.25 -3.19
C ALA C 59 -10.26 4.62 -4.48
N THR C 60 -10.84 3.62 -5.14
CA THR C 60 -11.53 3.82 -6.41
C THR C 60 -12.97 3.36 -6.31
N TYR C 61 -13.83 4.03 -7.08
CA TYR C 61 -15.17 3.56 -7.38
C TYR C 61 -15.26 3.39 -8.89
N TYR C 62 -15.88 2.30 -9.33
CA TYR C 62 -16.02 2.02 -10.74
C TYR C 62 -17.49 1.76 -11.08
N ASN C 63 -17.84 2.01 -12.32
CA ASN C 63 -19.15 1.61 -12.83
C ASN C 63 -19.16 0.09 -12.96
N PRO C 64 -20.11 -0.62 -12.35
CA PRO C 64 -20.05 -2.09 -12.37
C PRO C 64 -19.95 -2.67 -13.77
N SER C 65 -20.69 -2.07 -14.72
CA SER C 65 -20.70 -2.57 -16.09
C SER C 65 -19.33 -2.51 -16.75
N LEU C 66 -18.44 -1.67 -16.25
CA LEU C 66 -17.09 -1.53 -16.79
C LEU C 66 -16.01 -2.09 -15.88
N LYS C 67 -16.38 -2.64 -14.72
CA LYS C 67 -15.35 -2.96 -13.73
C LYS C 67 -14.28 -3.89 -14.30
N SER C 68 -14.67 -4.88 -15.09
CA SER C 68 -13.70 -5.86 -15.53
C SER C 68 -12.68 -5.28 -16.51
N ARG C 69 -12.98 -4.16 -17.16
CA ARG C 69 -12.07 -3.62 -18.17
C ARG C 69 -11.39 -2.32 -17.78
N VAL C 70 -11.71 -1.73 -16.62
CA VAL C 70 -11.33 -0.36 -16.31
C VAL C 70 -10.38 -0.33 -15.13
N THR C 71 -9.34 0.49 -15.24
CA THR C 71 -8.48 0.82 -14.12
C THR C 71 -8.26 2.33 -14.09
N ILE C 72 -8.46 2.95 -12.93
CA ILE C 72 -8.17 4.36 -12.74
C ILE C 72 -7.03 4.46 -11.74
N SER C 73 -6.07 5.33 -12.03
CA SER C 73 -4.89 5.49 -11.19
C SER C 73 -4.68 6.98 -10.92
N ILE C 74 -3.94 7.29 -9.86
CA ILE C 74 -3.70 8.68 -9.48
C ILE C 74 -2.22 8.88 -9.16
N ASP C 75 -1.69 10.03 -9.59
CA ASP C 75 -0.29 10.40 -9.40
C ASP C 75 -0.29 11.77 -8.74
N THR C 76 -0.15 11.78 -7.41
CA THR C 76 -0.27 13.01 -6.65
C THR C 76 0.95 13.93 -6.83
N ALA C 77 2.12 13.35 -7.10
CA ALA C 77 3.32 14.18 -7.24
C ALA C 77 3.19 15.14 -8.41
N ASN C 78 2.59 14.69 -9.51
CA ASN C 78 2.42 15.50 -10.70
C ASN C 78 0.99 16.04 -10.83
N ASN C 79 0.17 15.86 -9.79
CA ASN C 79 -1.23 16.28 -9.76
C ASN C 79 -1.99 15.82 -11.01
N GLN C 80 -1.89 14.52 -11.29
CA GLN C 80 -2.52 13.93 -12.45
C GLN C 80 -3.28 12.67 -12.05
N PHE C 81 -4.20 12.23 -12.91
CA PHE C 81 -4.84 10.95 -12.71
C PHE C 81 -5.26 10.40 -14.07
N SER C 82 -5.25 9.07 -14.19
CA SER C 82 -5.32 8.44 -15.49
C SER C 82 -6.39 7.37 -15.55
N LEU C 83 -6.82 7.10 -16.77
CA LEU C 83 -7.78 6.07 -17.10
C LEU C 83 -7.14 5.06 -18.05
N ARG C 84 -7.36 3.78 -17.77
CA ARG C 84 -7.02 2.69 -18.68
C ARG C 84 -8.28 1.88 -18.92
N LEU C 85 -8.60 1.67 -20.20
CA LEU C 85 -9.79 0.92 -20.60
C LEU C 85 -9.36 -0.15 -21.59
N ARG C 86 -9.51 -1.41 -21.22
CA ARG C 86 -8.95 -2.51 -21.98
C ARG C 86 -9.94 -3.08 -22.99
N SER C 87 -9.39 -3.78 -23.98
CA SER C 87 -10.18 -4.48 -25.00
C SER C 87 -11.20 -3.54 -25.62
N VAL C 88 -10.68 -2.42 -26.15
CA VAL C 88 -11.55 -1.41 -26.73
C VAL C 88 -12.31 -2.00 -27.92
N THR C 89 -13.56 -1.60 -28.06
CA THR C 89 -14.39 -1.93 -29.20
C THR C 89 -14.98 -0.63 -29.76
N ALA C 90 -15.72 -0.75 -30.87
CA ALA C 90 -16.34 0.43 -31.45
C ALA C 90 -17.29 1.11 -30.47
N ALA C 91 -17.89 0.34 -29.56
CA ALA C 91 -18.82 0.91 -28.60
C ALA C 91 -18.14 1.88 -27.64
N ASP C 92 -16.81 1.84 -27.56
CA ASP C 92 -16.06 2.70 -26.66
C ASP C 92 -15.71 4.06 -27.27
N ALA C 93 -15.98 4.25 -28.56
CA ALA C 93 -15.73 5.56 -29.18
C ALA C 93 -16.61 6.63 -28.54
N ALA C 94 -16.00 7.74 -28.14
CA ALA C 94 -16.76 8.75 -27.41
C ALA C 94 -15.88 9.95 -27.08
N VAL C 95 -16.51 10.99 -26.56
CA VAL C 95 -15.80 12.08 -25.91
C VAL C 95 -15.61 11.69 -24.45
N TYR C 96 -14.37 11.73 -23.97
CA TYR C 96 -14.05 11.41 -22.59
C TYR C 96 -13.76 12.70 -21.83
N TYR C 97 -14.40 12.87 -20.68
CA TYR C 97 -14.22 14.01 -19.81
C TYR C 97 -13.66 13.54 -18.46
N CYS C 98 -12.83 14.36 -17.85
CA CYS C 98 -12.51 14.24 -16.44
C CYS C 98 -13.19 15.38 -15.68
N ALA C 99 -13.47 15.15 -14.41
CA ALA C 99 -14.15 16.14 -13.60
C ALA C 99 -13.81 15.97 -12.13
N ARG C 100 -14.06 17.02 -11.35
CA ARG C 100 -13.92 16.98 -9.90
C ARG C 100 -15.30 16.77 -9.29
N GLY C 101 -15.47 15.67 -8.57
CA GLY C 101 -16.74 15.32 -7.94
C GLY C 101 -16.66 15.51 -6.44
N GLY C 102 -17.77 15.97 -5.85
CA GLY C 102 -17.81 16.15 -4.42
C GLY C 102 -17.98 14.83 -3.66
N MET C 103 -17.54 14.84 -2.41
CA MET C 103 -17.64 13.70 -1.52
C MET C 103 -18.80 13.88 -0.53
N GLY C 104 -19.26 12.75 0.01
CA GLY C 104 -20.26 12.77 1.06
C GLY C 104 -21.68 12.90 0.53
N THR C 105 -22.63 12.75 1.46
CA THR C 105 -24.05 12.80 1.07
C THR C 105 -24.44 14.15 0.48
N THR C 106 -23.82 15.24 0.94
CA THR C 106 -24.21 16.57 0.51
C THR C 106 -23.58 17.02 -0.79
N LYS C 107 -22.51 16.35 -1.25
CA LYS C 107 -21.83 16.78 -2.46
C LYS C 107 -21.65 15.67 -3.49
N ARG C 108 -21.87 14.41 -3.15
CA ARG C 108 -21.72 13.36 -4.14
C ARG C 108 -22.70 13.57 -5.28
N GLY C 109 -22.20 13.46 -6.51
CA GLY C 109 -22.95 13.83 -7.68
C GLY C 109 -22.71 15.23 -8.18
N TRP C 110 -21.95 16.03 -7.43
CA TRP C 110 -21.65 17.42 -7.77
C TRP C 110 -20.34 17.43 -8.55
N PHE C 111 -20.42 17.72 -9.86
CA PHE C 111 -19.26 17.74 -10.74
C PHE C 111 -18.99 19.17 -11.18
N ASP C 112 -17.89 19.74 -10.68
CA ASP C 112 -17.45 21.08 -11.05
C ASP C 112 -16.01 21.25 -10.59
N PRO C 113 -15.08 21.64 -11.49
CA PRO C 113 -15.19 21.88 -12.93
C PRO C 113 -15.08 20.61 -13.75
N TRP C 114 -15.37 20.73 -15.03
CA TRP C 114 -15.34 19.66 -16.01
C TRP C 114 -14.17 19.95 -16.95
N GLY C 115 -13.59 18.90 -17.51
CA GLY C 115 -12.60 19.10 -18.53
C GLY C 115 -13.24 19.45 -19.87
N GLN C 116 -12.40 19.89 -20.81
CA GLN C 116 -12.95 20.23 -22.12
C GLN C 116 -13.39 18.99 -22.88
N GLY C 117 -12.76 17.85 -22.61
CA GLY C 117 -13.08 16.62 -23.29
C GLY C 117 -12.12 16.31 -24.41
N THR C 118 -11.82 15.02 -24.59
CA THR C 118 -10.98 14.55 -25.68
C THR C 118 -11.75 13.51 -26.47
N LEU C 119 -11.75 13.63 -27.79
CA LEU C 119 -12.47 12.69 -28.63
C LEU C 119 -11.60 11.47 -28.85
N VAL C 120 -12.20 10.29 -28.69
CA VAL C 120 -11.53 9.02 -28.93
C VAL C 120 -12.35 8.31 -30.00
N THR C 121 -11.70 8.08 -31.14
CA THR C 121 -12.29 7.37 -32.27
C THR C 121 -11.70 5.97 -32.28
N VAL C 122 -12.44 5.03 -32.87
CA VAL C 122 -12.02 3.64 -32.96
C VAL C 122 -12.07 3.24 -34.41
N SER C 123 -11.00 2.62 -34.90
CA SER C 123 -10.91 2.25 -36.30
C SER C 123 -11.69 0.96 -36.54
N SER C 124 -11.68 0.49 -37.78
CA SER C 124 -12.51 -0.62 -38.20
C SER C 124 -11.76 -1.95 -38.10
N GLY C 125 -12.47 -3.04 -38.37
CA GLY C 125 -11.91 -4.37 -38.30
C GLY C 125 -12.93 -5.41 -37.87
N SER C 146 -29.80 4.34 -19.76
CA SER C 146 -29.54 5.12 -18.56
C SER C 146 -30.45 4.70 -17.41
N VAL C 147 -29.98 4.92 -16.17
CA VAL C 147 -30.75 4.54 -14.99
C VAL C 147 -31.86 5.54 -14.73
N LEU C 148 -31.59 6.83 -14.93
CA LEU C 148 -32.61 7.86 -14.86
C LEU C 148 -33.16 8.09 -16.25
N THR C 149 -34.46 8.28 -16.35
CA THR C 149 -35.13 8.43 -17.65
C THR C 149 -35.61 9.86 -17.82
N GLN C 150 -35.31 10.41 -18.99
CA GLN C 150 -35.69 11.74 -19.41
C GLN C 150 -36.33 11.65 -20.79
N PRO C 151 -37.26 12.54 -21.11
CA PRO C 151 -37.75 12.63 -22.48
C PRO C 151 -36.59 12.91 -23.43
N PRO C 152 -36.51 12.22 -24.57
CA PRO C 152 -35.37 12.45 -25.46
C PRO C 152 -35.25 13.88 -25.96
N SER C 153 -36.38 14.56 -26.21
CA SER C 153 -36.34 15.90 -26.78
C SER C 153 -37.40 16.79 -26.15
N ALA C 154 -37.13 18.09 -26.17
CA ALA C 154 -38.11 19.10 -25.80
C ALA C 154 -37.95 20.28 -26.75
N SER C 155 -39.05 21.00 -26.94
CA SER C 155 -39.05 22.12 -27.87
C SER C 155 -40.00 23.19 -27.37
N GLY C 156 -39.73 24.43 -27.76
CA GLY C 156 -40.62 25.53 -27.48
C GLY C 156 -40.23 26.72 -28.32
N THR C 157 -41.08 27.72 -28.29
CA THR C 157 -40.79 28.96 -28.99
C THR C 157 -40.29 30.00 -28.00
N PRO C 158 -39.63 31.05 -28.49
CA PRO C 158 -39.09 32.05 -27.56
C PRO C 158 -40.17 32.62 -26.65
N GLY C 159 -39.83 32.79 -25.38
CA GLY C 159 -40.73 33.32 -24.40
C GLY C 159 -41.51 32.29 -23.62
N GLN C 160 -41.53 31.04 -24.06
CA GLN C 160 -42.34 30.04 -23.40
C GLN C 160 -41.59 29.43 -22.23
N ARG C 161 -42.33 28.66 -21.43
CA ARG C 161 -41.75 27.88 -20.35
C ARG C 161 -41.80 26.42 -20.76
N VAL C 162 -40.67 25.73 -20.64
CA VAL C 162 -40.59 24.31 -20.90
C VAL C 162 -40.19 23.60 -19.61
N THR C 163 -40.60 22.35 -19.49
CA THR C 163 -40.24 21.52 -18.35
C THR C 163 -39.68 20.20 -18.85
N ILE C 164 -38.66 19.72 -18.15
CA ILE C 164 -37.93 18.51 -18.50
C ILE C 164 -38.00 17.58 -17.29
N SER C 165 -38.48 16.36 -17.53
CA SER C 165 -38.70 15.40 -16.44
C SER C 165 -37.52 14.46 -16.31
N CYS C 166 -37.36 13.94 -15.09
CA CYS C 166 -36.28 13.03 -14.74
C CYS C 166 -36.87 12.03 -13.76
N SER C 167 -37.07 10.80 -14.19
CA SER C 167 -37.71 9.77 -13.38
C SER C 167 -36.64 8.82 -12.87
N GLY C 168 -36.68 8.53 -11.56
CA GLY C 168 -35.69 7.69 -10.93
C GLY C 168 -36.34 6.64 -10.05
N SER C 169 -35.61 6.27 -9.00
CA SER C 169 -36.02 5.19 -8.10
C SER C 169 -35.74 5.59 -6.66
N SER C 170 -36.06 4.67 -5.74
CA SER C 170 -35.87 4.89 -4.32
C SER C 170 -34.41 4.89 -3.92
N SER C 171 -33.52 4.42 -4.77
CA SER C 171 -32.11 4.34 -4.42
C SER C 171 -31.31 5.56 -4.86
N ASN C 172 -31.81 6.37 -5.80
CA ASN C 172 -31.07 7.57 -6.20
C ASN C 172 -31.80 8.87 -5.90
N ILE C 173 -32.92 9.16 -6.57
CA ILE C 173 -33.47 10.50 -6.48
C ILE C 173 -34.11 10.73 -5.11
N ARG C 174 -34.79 9.71 -4.58
CA ARG C 174 -35.55 9.91 -3.35
C ARG C 174 -34.62 10.20 -2.19
N VAL C 175 -33.45 9.56 -2.16
CA VAL C 175 -32.57 9.62 -1.00
C VAL C 175 -31.31 10.45 -1.23
N ASN C 176 -30.98 10.79 -2.48
CA ASN C 176 -29.80 11.59 -2.78
C ASN C 176 -30.18 12.90 -3.46
N TYR C 177 -29.31 13.89 -3.30
CA TYR C 177 -29.50 15.17 -3.97
C TYR C 177 -29.46 15.01 -5.48
N VAL C 178 -30.27 15.79 -6.17
CA VAL C 178 -30.32 15.78 -7.63
C VAL C 178 -29.54 16.97 -8.15
N TYR C 179 -28.83 16.76 -9.27
CA TYR C 179 -28.04 17.80 -9.91
C TYR C 179 -28.44 17.87 -11.38
N TRP C 180 -28.41 19.07 -11.93
CA TRP C 180 -28.68 19.28 -13.35
C TRP C 180 -27.49 19.93 -14.03
N TYR C 181 -27.19 19.45 -15.24
CA TYR C 181 -26.08 19.90 -16.06
C TYR C 181 -26.58 20.29 -17.44
N GLN C 182 -26.05 21.42 -17.94
CA GLN C 182 -26.34 21.94 -19.26
C GLN C 182 -25.12 21.78 -20.15
N GLN C 183 -25.34 21.28 -21.37
CA GLN C 183 -24.27 21.09 -22.35
C GLN C 183 -24.65 21.87 -23.59
N ILE C 184 -24.05 23.05 -23.75
CA ILE C 184 -24.14 23.78 -25.01
C ILE C 184 -23.41 22.97 -26.08
N PRO C 185 -23.94 22.86 -27.29
CA PRO C 185 -23.25 22.06 -28.31
C PRO C 185 -21.81 22.52 -28.45
N GLY C 186 -20.89 21.56 -28.37
CA GLY C 186 -19.50 21.86 -28.53
C GLY C 186 -18.75 22.12 -27.25
N THR C 187 -19.45 22.18 -26.12
CA THR C 187 -18.84 22.47 -24.84
C THR C 187 -19.05 21.29 -23.91
N ALA C 188 -18.37 21.35 -22.76
CA ALA C 188 -18.51 20.32 -21.76
C ALA C 188 -19.77 20.57 -20.95
N PRO C 189 -20.30 19.54 -20.30
CA PRO C 189 -21.39 19.79 -19.35
C PRO C 189 -20.94 20.75 -18.28
N LYS C 190 -21.86 21.59 -17.83
CA LYS C 190 -21.59 22.57 -16.79
C LYS C 190 -22.70 22.49 -15.76
N LEU C 191 -22.34 22.64 -14.50
CA LEU C 191 -23.33 22.58 -13.43
C LEU C 191 -24.36 23.68 -13.63
N LEU C 192 -25.63 23.26 -13.71
CA LEU C 192 -26.77 24.17 -13.80
C LEU C 192 -27.55 24.27 -12.51
N ILE C 193 -27.79 23.14 -11.84
CA ILE C 193 -28.54 23.12 -10.59
C ILE C 193 -27.85 22.17 -9.63
N TYR C 194 -27.77 22.55 -8.36
CA TYR C 194 -27.21 21.70 -7.32
C TYR C 194 -28.21 21.55 -6.17
N ARG C 195 -28.09 20.43 -5.47
CA ARG C 195 -28.90 20.07 -4.29
C ARG C 195 -30.39 20.39 -4.47
N ASN C 196 -30.91 19.80 -5.54
CA ASN C 196 -32.29 19.71 -5.98
C ASN C 196 -32.95 20.97 -6.55
N ASP C 197 -32.61 22.13 -6.05
CA ASP C 197 -33.37 23.33 -6.41
C ASP C 197 -32.55 24.60 -6.35
N GLN C 198 -31.26 24.52 -6.05
CA GLN C 198 -30.41 25.68 -5.80
C GLN C 198 -29.62 26.06 -7.04
N ARG C 199 -29.43 27.36 -7.23
CA ARG C 199 -28.82 27.90 -8.43
C ARG C 199 -27.39 28.32 -8.17
N PRO C 200 -26.41 27.82 -8.92
CA PRO C 200 -25.05 28.38 -8.82
C PRO C 200 -25.03 29.79 -9.37
N SER C 201 -24.20 30.64 -8.77
CA SER C 201 -24.07 32.02 -9.24
C SER C 201 -23.81 32.05 -10.74
N GLY C 202 -24.58 32.88 -11.44
CA GLY C 202 -24.46 33.02 -12.88
C GLY C 202 -25.58 32.36 -13.67
N VAL C 203 -26.38 31.49 -13.07
CA VAL C 203 -27.54 30.92 -13.72
C VAL C 203 -28.75 31.76 -13.31
N PRO C 204 -29.49 32.35 -14.25
CA PRO C 204 -30.61 33.21 -13.88
C PRO C 204 -31.74 32.42 -13.25
N ASP C 205 -32.65 33.15 -12.59
CA ASP C 205 -33.72 32.53 -11.83
C ASP C 205 -34.84 31.97 -12.69
N ARG C 206 -34.87 32.28 -14.00
CA ARG C 206 -35.80 31.62 -14.89
C ARG C 206 -35.58 30.11 -14.92
N PHE C 207 -34.39 29.66 -14.50
CA PHE C 207 -34.10 28.23 -14.33
C PHE C 207 -34.51 27.81 -12.91
N SER C 208 -35.46 26.89 -12.81
CA SER C 208 -35.87 26.37 -11.52
C SER C 208 -35.91 24.85 -11.58
N ALA C 209 -35.86 24.22 -10.42
CA ALA C 209 -35.87 22.77 -10.38
C ALA C 209 -36.52 22.32 -9.08
N SER C 210 -37.05 21.09 -9.11
CA SER C 210 -37.71 20.56 -7.94
C SER C 210 -37.62 19.04 -7.97
N LYS C 211 -37.90 18.45 -6.81
CA LYS C 211 -37.83 17.01 -6.58
C LYS C 211 -39.04 16.58 -5.78
N SER C 212 -39.69 15.50 -6.19
CA SER C 212 -40.79 14.90 -5.43
C SER C 212 -40.69 13.39 -5.54
N GLY C 213 -40.50 12.74 -4.40
CA GLY C 213 -40.42 11.29 -4.39
C GLY C 213 -39.26 10.82 -5.24
N THR C 214 -39.56 10.01 -6.26
CA THR C 214 -38.54 9.46 -7.14
C THR C 214 -38.42 10.23 -8.44
N SER C 215 -39.09 11.37 -8.57
CA SER C 215 -39.02 12.15 -9.80
C SER C 215 -38.49 13.54 -9.52
N ALA C 216 -37.99 14.18 -10.57
CA ALA C 216 -37.43 15.51 -10.49
C ALA C 216 -37.75 16.23 -11.80
N SER C 217 -37.72 17.55 -11.75
CA SER C 217 -38.11 18.34 -12.91
C SER C 217 -37.31 19.63 -12.98
N LEU C 218 -36.93 20.01 -14.20
CA LEU C 218 -36.24 21.25 -14.51
C LEU C 218 -37.16 22.13 -15.36
N ALA C 219 -37.45 23.33 -14.87
CA ALA C 219 -38.27 24.30 -15.59
C ALA C 219 -37.38 25.43 -16.09
N ILE C 220 -37.56 25.78 -17.36
CA ILE C 220 -36.85 26.88 -18.02
C ILE C 220 -37.92 27.87 -18.48
N SER C 221 -37.95 29.05 -17.86
CA SER C 221 -38.85 30.12 -18.25
C SER C 221 -38.19 31.04 -19.27
N GLY C 222 -39.02 31.83 -19.97
CA GLY C 222 -38.51 32.85 -20.87
C GLY C 222 -37.54 32.29 -21.88
N LEU C 223 -37.94 31.22 -22.56
CA LEU C 223 -37.00 30.51 -23.43
C LEU C 223 -36.39 31.45 -24.46
N ARG C 224 -35.11 31.25 -24.73
CA ARG C 224 -34.36 32.02 -25.71
C ARG C 224 -33.40 31.10 -26.46
N SER C 225 -32.92 31.57 -27.60
CA SER C 225 -32.09 30.75 -28.48
C SER C 225 -30.83 30.22 -27.78
N GLN C 226 -30.31 30.97 -26.79
CA GLN C 226 -29.09 30.56 -26.11
C GLN C 226 -29.29 29.33 -25.25
N ASP C 227 -30.54 28.89 -25.07
CA ASP C 227 -30.83 27.70 -24.28
C ASP C 227 -30.74 26.40 -25.08
N GLU C 228 -30.72 26.46 -26.42
CA GLU C 228 -30.63 25.22 -27.20
C GLU C 228 -29.45 24.39 -26.71
N ALA C 229 -29.74 23.22 -26.18
CA ALA C 229 -28.65 22.47 -25.55
C ALA C 229 -29.17 21.14 -25.03
N ASP C 230 -28.24 20.31 -24.54
CA ASP C 230 -28.59 19.05 -23.92
C ASP C 230 -28.66 19.25 -22.40
N TYR C 231 -29.73 18.76 -21.78
CA TYR C 231 -29.91 18.88 -20.34
C TYR C 231 -29.93 17.50 -19.70
N TYR C 232 -29.12 17.32 -18.66
CA TYR C 232 -28.94 16.04 -17.98
C TYR C 232 -29.21 16.19 -16.49
N CYS C 233 -30.02 15.28 -15.94
CA CYS C 233 -30.10 15.15 -14.50
C CYS C 233 -29.10 14.08 -14.04
N ALA C 234 -28.80 14.11 -12.75
CA ALA C 234 -27.83 13.18 -12.21
C ALA C 234 -28.06 13.06 -10.72
N ALA C 235 -27.73 11.88 -10.18
CA ALA C 235 -27.81 11.67 -8.75
C ALA C 235 -27.01 10.44 -8.36
N TRP C 236 -26.49 10.46 -7.14
CA TRP C 236 -25.81 9.29 -6.61
C TRP C 236 -26.82 8.17 -6.38
N ASP C 237 -26.44 6.95 -6.75
CA ASP C 237 -27.26 5.76 -6.57
C ASP C 237 -26.60 4.88 -5.53
N ASP C 238 -27.31 4.66 -4.41
CA ASP C 238 -26.84 3.82 -3.32
C ASP C 238 -26.88 2.33 -3.67
N SER C 239 -27.68 1.94 -4.65
CA SER C 239 -27.70 0.55 -5.07
C SER C 239 -26.47 0.18 -5.89
N LEU C 240 -26.08 1.04 -6.83
CA LEU C 240 -24.91 0.83 -7.67
C LEU C 240 -23.64 1.39 -7.05
N THR C 241 -23.76 2.22 -6.01
CA THR C 241 -22.62 2.87 -5.39
C THR C 241 -21.91 3.79 -6.40
N GLY C 242 -22.65 4.78 -6.88
CA GLY C 242 -22.04 5.74 -7.79
C GLY C 242 -23.03 6.65 -8.47
N PRO C 243 -22.54 7.70 -9.12
CA PRO C 243 -23.45 8.62 -9.80
C PRO C 243 -24.05 7.99 -11.04
N VAL C 244 -25.32 8.33 -11.31
CA VAL C 244 -26.00 7.93 -12.53
C VAL C 244 -26.57 9.20 -13.18
N PHE C 245 -26.45 9.29 -14.50
CA PHE C 245 -27.00 10.37 -15.28
C PHE C 245 -28.27 9.91 -16.00
N GLY C 246 -29.13 10.87 -16.32
CA GLY C 246 -30.22 10.59 -17.22
C GLY C 246 -29.77 10.57 -18.66
N GLY C 247 -30.65 10.09 -19.54
CA GLY C 247 -30.30 9.96 -20.94
C GLY C 247 -30.09 11.28 -21.66
N GLY C 248 -30.59 12.36 -21.08
CA GLY C 248 -30.47 13.68 -21.68
C GLY C 248 -31.73 14.09 -22.44
N THR C 249 -32.01 15.39 -22.44
CA THR C 249 -33.09 15.98 -23.20
C THR C 249 -32.49 17.06 -24.08
N LYS C 250 -32.64 16.91 -25.40
CA LYS C 250 -32.16 17.91 -26.36
C LYS C 250 -33.23 18.98 -26.52
N LEU C 251 -33.00 20.15 -25.90
CA LEU C 251 -33.92 21.26 -26.00
C LEU C 251 -33.60 22.07 -27.25
N THR C 252 -34.62 22.22 -28.10
CA THR C 252 -34.56 22.97 -29.35
C THR C 252 -35.51 24.16 -29.24
N VAL C 253 -35.04 25.32 -29.69
CA VAL C 253 -35.83 26.56 -29.67
C VAL C 253 -36.19 26.88 -31.12
N LEU C 254 -37.48 27.00 -31.39
CA LEU C 254 -38.01 27.20 -32.74
C LEU C 254 -38.12 28.67 -33.10
N GLY C 255 -37.88 28.96 -34.38
CA GLY C 255 -37.90 30.32 -34.88
C GLY C 255 -36.60 31.07 -34.68
N THR C 256 -35.56 30.40 -34.25
CA THR C 256 -34.27 31.01 -33.96
C THR C 256 -33.39 30.95 -35.21
N LYS C 257 -32.10 31.17 -35.03
CA LYS C 257 -31.11 31.10 -36.10
C LYS C 257 -31.30 29.85 -36.96
N THR D 1 35.17 -7.90 -2.37
CA THR D 1 35.74 -8.70 -1.26
C THR D 1 36.54 -7.80 -0.33
N GLY D 2 37.33 -8.41 0.57
CA GLY D 2 38.25 -7.68 1.40
C GLY D 2 38.09 -8.03 2.86
N GLN D 3 38.61 -7.14 3.71
CA GLN D 3 38.65 -7.38 5.15
C GLN D 3 37.54 -6.59 5.86
N VAL D 4 36.32 -7.08 5.71
CA VAL D 4 35.16 -6.48 6.36
C VAL D 4 35.31 -6.55 7.88
N GLN D 5 35.11 -5.41 8.54
CA GLN D 5 35.04 -5.36 10.00
C GLN D 5 33.93 -4.42 10.40
N LEU D 6 33.27 -4.73 11.52
CA LEU D 6 32.14 -3.95 12.02
C LEU D 6 32.38 -3.55 13.46
N GLN D 7 31.97 -2.34 13.83
CA GLN D 7 32.11 -1.90 15.22
C GLN D 7 30.93 -1.05 15.65
N GLU D 8 30.33 -1.41 16.81
CA GLU D 8 29.23 -0.65 17.36
C GLU D 8 29.74 0.48 18.25
N SER D 9 29.00 1.59 18.25
CA SER D 9 29.23 2.74 19.09
C SER D 9 27.90 3.16 19.68
N GLY D 10 27.87 3.43 20.98
CA GLY D 10 26.64 3.78 21.64
C GLY D 10 26.81 4.33 23.04
N PRO D 11 25.72 4.82 23.63
CA PRO D 11 25.74 5.20 25.03
C PRO D 11 25.86 3.97 25.92
N GLY D 12 26.44 4.17 27.09
CA GLY D 12 26.54 3.09 28.07
C GLY D 12 25.32 3.00 28.96
N LEU D 13 24.62 4.13 29.12
CA LEU D 13 23.49 4.22 30.03
C LEU D 13 22.40 5.07 29.41
N VAL D 14 21.16 4.59 29.49
CA VAL D 14 19.99 5.32 29.05
C VAL D 14 18.95 5.25 30.16
N LYS D 15 18.13 6.29 30.24
CA LYS D 15 17.06 6.33 31.22
C LYS D 15 15.74 5.87 30.60
N PRO D 16 14.83 5.32 31.42
CA PRO D 16 13.54 4.90 30.87
C PRO D 16 12.85 6.03 30.12
N SER D 17 12.24 5.67 28.99
CA SER D 17 11.51 6.52 28.06
C SER D 17 12.43 7.29 27.10
N GLU D 18 13.74 7.21 27.25
CA GLU D 18 14.64 7.81 26.27
C GLU D 18 14.69 6.95 25.01
N THR D 19 15.27 7.51 23.96
CA THR D 19 15.52 6.79 22.71
C THR D 19 17.00 6.41 22.66
N LEU D 20 17.27 5.11 22.73
CA LEU D 20 18.63 4.62 22.55
C LEU D 20 19.05 4.79 21.10
N SER D 21 20.22 5.37 20.89
CA SER D 21 20.75 5.56 19.55
C SER D 21 22.12 4.88 19.47
N LEU D 22 22.27 4.02 18.47
CA LEU D 22 23.51 3.29 18.25
C LEU D 22 23.94 3.48 16.80
N THR D 23 25.23 3.34 16.56
CA THR D 23 25.78 3.46 15.22
C THR D 23 26.78 2.34 15.01
N CYS D 24 26.72 1.71 13.84
CA CYS D 24 27.68 0.68 13.46
C CYS D 24 28.49 1.22 12.30
N THR D 25 29.82 1.15 12.46
CA THR D 25 30.78 1.59 11.46
C THR D 25 31.35 0.35 10.76
N VAL D 26 31.28 0.35 9.44
CA VAL D 26 31.82 -0.73 8.60
C VAL D 26 33.13 -0.26 8.02
N SER D 27 34.16 -1.10 8.12
CA SER D 27 35.49 -0.75 7.62
C SER D 27 35.99 -1.89 6.75
N GLY D 28 36.82 -1.53 5.77
CA GLY D 28 37.39 -2.51 4.87
C GLY D 28 36.43 -3.06 3.84
N PHE D 29 35.26 -2.44 3.67
CA PHE D 29 34.20 -3.00 2.85
C PHE D 29 33.12 -1.95 2.65
N SER D 30 32.58 -1.87 1.45
CA SER D 30 31.57 -0.87 1.14
C SER D 30 30.20 -1.32 1.61
N ILE D 31 29.55 -0.47 2.41
CA ILE D 31 28.20 -0.76 2.86
C ILE D 31 27.19 -0.75 1.72
N SER D 32 27.53 -0.15 0.58
CA SER D 32 26.66 -0.12 -0.59
C SER D 32 26.86 -1.40 -1.39
N SER D 33 26.43 -2.51 -0.80
CA SER D 33 26.66 -3.84 -1.34
C SER D 33 25.43 -4.70 -1.08
N SER D 34 25.38 -5.86 -1.74
CA SER D 34 24.20 -6.72 -1.68
C SER D 34 24.21 -7.50 -0.36
N TYR D 35 23.97 -6.75 0.72
CA TYR D 35 23.86 -7.35 2.05
C TYR D 35 22.80 -6.59 2.83
N TYR D 36 22.31 -7.23 3.89
CA TYR D 36 21.54 -6.54 4.91
C TYR D 36 22.49 -6.12 6.03
N TRP D 37 22.17 -5.00 6.66
CA TRP D 37 22.94 -4.49 7.79
C TRP D 37 22.01 -4.51 8.99
N ASP D 38 22.29 -5.43 9.92
CA ASP D 38 21.35 -5.90 10.92
C ASP D 38 21.74 -5.44 12.32
N TRP D 39 20.72 -5.18 13.12
CA TRP D 39 20.86 -4.95 14.56
C TRP D 39 20.18 -6.10 15.30
N ILE D 40 20.93 -6.69 16.24
CA ILE D 40 20.54 -7.86 17.02
C ILE D 40 20.94 -7.60 18.47
N ARG D 41 20.10 -7.99 19.42
CA ARG D 41 20.43 -7.73 20.81
C ARG D 41 20.31 -8.98 21.66
N GLN D 42 20.87 -8.90 22.86
CA GLN D 42 20.90 -10.02 23.80
C GLN D 42 20.80 -9.44 25.20
N PRO D 43 19.63 -9.49 25.82
CA PRO D 43 19.52 -9.05 27.21
C PRO D 43 20.39 -9.91 28.11
N PRO D 44 20.89 -9.34 29.21
CA PRO D 44 21.83 -10.10 30.07
C PRO D 44 21.30 -11.48 30.45
N GLY D 45 22.04 -12.52 30.09
CA GLY D 45 21.60 -13.86 30.41
C GLY D 45 20.38 -14.33 29.69
N LYS D 46 20.08 -13.76 28.52
CA LYS D 46 18.96 -14.19 27.70
C LYS D 46 19.50 -14.55 26.32
N GLY D 47 18.59 -14.88 25.40
CA GLY D 47 18.98 -15.26 24.07
C GLY D 47 19.09 -14.08 23.12
N LEU D 48 19.45 -14.39 21.89
CA LEU D 48 19.54 -13.37 20.86
C LEU D 48 18.16 -13.02 20.33
N GLU D 49 17.98 -11.75 19.99
CA GLU D 49 16.73 -11.25 19.42
C GLU D 49 17.06 -10.32 18.26
N TRP D 50 16.60 -10.67 17.07
CA TRP D 50 16.82 -9.82 15.91
C TRP D 50 15.97 -8.57 16.00
N ILE D 51 16.61 -7.41 15.84
CA ILE D 51 15.89 -6.15 15.88
C ILE D 51 15.47 -5.70 14.50
N GLY D 52 16.40 -5.67 13.56
CA GLY D 52 16.01 -5.21 12.22
C GLY D 52 17.20 -5.12 11.30
N ASN D 53 16.93 -4.72 10.06
CA ASN D 53 18.00 -4.56 9.09
C ASN D 53 17.67 -3.49 8.06
N ILE D 54 18.71 -3.03 7.37
CA ILE D 54 18.55 -2.05 6.31
C ILE D 54 19.42 -2.45 5.12
N HIS D 55 18.95 -2.08 3.93
CA HIS D 55 19.70 -2.20 2.69
C HIS D 55 20.24 -0.84 2.28
N HIS D 56 21.29 -0.84 1.45
CA HIS D 56 21.90 0.44 1.09
C HIS D 56 20.95 1.32 0.29
N THR D 57 19.87 0.77 -0.25
CA THR D 57 18.84 1.59 -0.88
C THR D 57 17.86 2.20 0.12
N GLY D 58 17.98 1.87 1.40
CA GLY D 58 17.10 2.41 2.42
C GLY D 58 15.97 1.49 2.86
N ALA D 59 15.70 0.42 2.10
CA ALA D 59 14.66 -0.51 2.48
C ALA D 59 14.98 -1.16 3.82
N THR D 60 13.99 -1.24 4.70
CA THR D 60 14.17 -1.76 6.04
C THR D 60 13.26 -2.97 6.26
N TYR D 61 13.74 -3.89 7.10
CA TYR D 61 12.93 -4.95 7.68
C TYR D 61 12.99 -4.82 9.20
N TYR D 62 11.86 -4.97 9.87
CA TYR D 62 11.82 -4.84 11.32
C TYR D 62 11.18 -6.06 11.97
N ASN D 63 11.55 -6.28 13.24
CA ASN D 63 10.94 -7.29 14.10
C ASN D 63 9.54 -6.86 14.56
N PRO D 64 8.52 -7.71 14.40
CA PRO D 64 7.15 -7.27 14.71
C PRO D 64 6.95 -6.69 16.10
N SER D 65 7.57 -7.30 17.11
CA SER D 65 7.37 -6.82 18.47
C SER D 65 8.01 -5.45 18.69
N LEU D 66 9.02 -5.10 17.89
CA LEU D 66 9.77 -3.86 18.08
C LEU D 66 9.50 -2.81 17.01
N LYS D 67 8.69 -3.13 16.00
CA LYS D 67 8.59 -2.28 14.82
C LYS D 67 8.16 -0.86 15.18
N SER D 68 7.19 -0.73 16.08
CA SER D 68 6.61 0.56 16.39
C SER D 68 7.61 1.49 17.07
N ARG D 69 8.68 0.95 17.65
CA ARG D 69 9.63 1.74 18.40
C ARG D 69 10.97 1.89 17.70
N VAL D 70 11.17 1.23 16.55
CA VAL D 70 12.48 1.07 15.96
C VAL D 70 12.53 1.80 14.62
N THR D 71 13.62 2.53 14.41
CA THR D 71 13.95 3.06 13.09
C THR D 71 15.42 2.77 12.84
N ILE D 72 15.73 2.22 11.67
CA ILE D 72 17.10 1.98 11.26
C ILE D 72 17.41 2.88 10.06
N SER D 73 18.58 3.48 10.07
CA SER D 73 19.00 4.40 9.02
C SER D 73 20.37 3.98 8.51
N ILE D 74 20.71 4.41 7.31
CA ILE D 74 21.97 4.06 6.68
C ILE D 74 22.59 5.31 6.08
N ASP D 75 23.92 5.43 6.19
CA ASP D 75 24.70 6.55 5.68
C ASP D 75 25.82 5.95 4.82
N THR D 76 25.59 5.92 3.50
CA THR D 76 26.52 5.25 2.61
C THR D 76 27.81 6.03 2.45
N ALA D 77 27.75 7.36 2.52
CA ALA D 77 28.95 8.17 2.34
C ALA D 77 29.98 7.88 3.43
N ASN D 78 29.51 7.62 4.65
CA ASN D 78 30.39 7.37 5.79
C ASN D 78 30.52 5.90 6.15
N ASN D 79 29.97 4.99 5.35
CA ASN D 79 30.00 3.56 5.67
C ASN D 79 29.47 3.29 7.08
N GLN D 80 28.31 3.83 7.38
CA GLN D 80 27.73 3.62 8.70
C GLN D 80 26.25 3.32 8.57
N PHE D 81 25.69 2.71 9.62
CA PHE D 81 24.25 2.55 9.71
C PHE D 81 23.88 2.55 11.19
N SER D 82 22.71 3.09 11.50
CA SER D 82 22.37 3.40 12.88
C SER D 82 20.99 2.86 13.25
N LEU D 83 20.83 2.66 14.55
CA LEU D 83 19.60 2.21 15.16
C LEU D 83 19.08 3.25 16.14
N ARG D 84 17.78 3.51 16.09
CA ARG D 84 17.10 4.28 17.11
C ARG D 84 15.96 3.44 17.65
N LEU D 85 15.90 3.33 18.98
CA LEU D 85 14.90 2.54 19.69
C LEU D 85 14.22 3.43 20.72
N ARG D 86 12.92 3.64 20.56
CA ARG D 86 12.20 4.62 21.37
C ARG D 86 11.54 3.97 22.59
N SER D 87 11.20 4.82 23.56
CA SER D 87 10.47 4.42 24.76
C SER D 87 11.16 3.26 25.48
N VAL D 88 12.43 3.48 25.82
CA VAL D 88 13.22 2.46 26.47
C VAL D 88 12.61 2.07 27.81
N THR D 89 12.69 0.78 28.13
CA THR D 89 12.31 0.22 29.42
C THR D 89 13.47 -0.61 29.96
N ALA D 90 13.29 -1.15 31.17
CA ALA D 90 14.33 -2.01 31.73
C ALA D 90 14.58 -3.23 30.86
N ALA D 91 13.56 -3.70 30.15
CA ALA D 91 13.71 -4.87 29.29
C ALA D 91 14.64 -4.62 28.11
N ASP D 92 14.91 -3.36 27.78
CA ASP D 92 15.77 -3.04 26.65
C ASP D 92 17.25 -3.03 27.00
N ALA D 93 17.59 -3.12 28.29
CA ALA D 93 18.99 -3.24 28.66
C ALA D 93 19.54 -4.53 28.06
N ALA D 94 20.67 -4.43 27.37
CA ALA D 94 21.16 -5.59 26.65
C ALA D 94 22.49 -5.27 26.00
N VAL D 95 23.14 -6.31 25.49
CA VAL D 95 24.28 -6.14 24.59
C VAL D 95 23.72 -6.04 23.18
N TYR D 96 24.07 -4.96 22.48
CA TYR D 96 23.61 -4.73 21.12
C TYR D 96 24.76 -5.00 20.15
N TYR D 97 24.48 -5.80 19.12
CA TYR D 97 25.40 -6.15 18.07
C TYR D 97 24.85 -5.64 16.75
N CYS D 98 25.76 -5.26 15.86
CA CYS D 98 25.46 -5.09 14.45
C CYS D 98 26.09 -6.25 13.68
N ALA D 99 25.54 -6.55 12.51
CA ALA D 99 26.06 -7.67 11.73
C ALA D 99 25.75 -7.47 10.26
N ARG D 100 26.48 -8.23 9.44
CA ARG D 100 26.24 -8.31 8.00
C ARG D 100 25.43 -9.57 7.73
N GLY D 101 24.22 -9.41 7.22
CA GLY D 101 23.33 -10.53 6.94
C GLY D 101 23.24 -10.75 5.44
N GLY D 102 23.10 -12.02 5.06
CA GLY D 102 22.96 -12.34 3.65
C GLY D 102 21.57 -12.03 3.12
N MET D 103 21.51 -11.76 1.83
CA MET D 103 20.27 -11.52 1.12
C MET D 103 19.88 -12.76 0.34
N GLY D 104 18.59 -12.83 0.00
CA GLY D 104 18.10 -13.90 -0.85
C GLY D 104 17.86 -15.17 -0.07
N THR D 105 17.22 -16.13 -0.74
CA THR D 105 16.88 -17.40 -0.11
C THR D 105 18.11 -18.18 0.32
N THR D 106 19.22 -18.08 -0.43
CA THR D 106 20.39 -18.88 -0.16
C THR D 106 21.28 -18.32 0.95
N LYS D 107 21.13 -17.04 1.30
CA LYS D 107 21.96 -16.45 2.35
C LYS D 107 21.20 -15.78 3.48
N ARG D 108 19.89 -15.59 3.35
CA ARG D 108 19.13 -14.99 4.44
C ARG D 108 19.22 -15.86 5.68
N GLY D 109 19.52 -15.23 6.82
CA GLY D 109 19.82 -15.92 8.06
C GLY D 109 21.31 -16.08 8.34
N TRP D 110 22.15 -15.76 7.37
CA TRP D 110 23.61 -15.90 7.46
C TRP D 110 24.19 -14.59 7.98
N PHE D 111 24.71 -14.58 9.22
CA PHE D 111 25.26 -13.38 9.84
C PHE D 111 26.76 -13.56 10.04
N ASP D 112 27.56 -12.84 9.25
CA ASP D 112 29.01 -12.86 9.34
C ASP D 112 29.54 -11.66 8.58
N PRO D 113 30.34 -10.76 9.20
CA PRO D 113 30.85 -10.71 10.58
C PRO D 113 29.81 -10.15 11.55
N TRP D 114 30.08 -10.26 12.85
CA TRP D 114 29.10 -9.91 13.88
C TRP D 114 29.38 -8.67 14.71
N GLY D 115 30.51 -8.01 14.55
CA GLY D 115 30.73 -6.82 15.34
C GLY D 115 31.03 -7.16 16.79
N GLN D 116 31.61 -6.21 17.52
CA GLN D 116 32.09 -6.50 18.88
C GLN D 116 30.97 -6.56 19.91
N GLY D 117 29.98 -5.67 19.79
CA GLY D 117 28.90 -5.54 20.76
C GLY D 117 29.10 -4.39 21.74
N THR D 118 28.03 -3.65 22.04
CA THR D 118 28.08 -2.56 23.02
C THR D 118 26.99 -2.79 24.06
N LEU D 119 27.34 -2.67 25.33
CA LEU D 119 26.38 -2.88 26.41
C LEU D 119 25.61 -1.60 26.68
N VAL D 120 24.28 -1.72 26.80
CA VAL D 120 23.40 -0.61 27.12
C VAL D 120 22.61 -0.96 28.37
N THR D 121 22.79 -0.17 29.43
CA THR D 121 22.13 -0.34 30.71
C THR D 121 21.02 0.69 30.90
N VAL D 122 20.03 0.36 31.73
CA VAL D 122 18.90 1.24 32.00
C VAL D 122 18.75 1.43 33.50
N SER D 123 18.77 2.68 33.96
CA SER D 123 18.67 3.01 35.37
C SER D 123 17.20 3.18 35.77
N SER D 124 16.53 2.05 35.96
CA SER D 124 15.10 2.04 36.26
C SER D 124 14.89 1.91 37.78
N GLY D 125 13.62 1.96 38.17
CA GLY D 125 13.26 1.86 39.58
C GLY D 125 12.88 0.45 40.00
N GLN D 145 9.26 -17.59 24.40
CA GLN D 145 9.66 -16.22 24.10
C GLN D 145 10.07 -16.08 22.64
N SER D 146 11.08 -16.84 22.23
CA SER D 146 11.60 -16.79 20.88
C SER D 146 10.74 -17.65 19.95
N VAL D 147 10.85 -17.35 18.66
CA VAL D 147 10.04 -18.05 17.65
C VAL D 147 10.54 -19.47 17.45
N LEU D 148 11.85 -19.67 17.51
CA LEU D 148 12.44 -21.01 17.51
C LEU D 148 12.72 -21.41 18.94
N THR D 149 12.45 -22.68 19.27
CA THR D 149 12.59 -23.15 20.64
C THR D 149 13.75 -24.12 20.73
N GLN D 150 14.58 -23.95 21.74
CA GLN D 150 15.71 -24.81 22.03
C GLN D 150 15.67 -25.15 23.51
N PRO D 151 16.14 -26.32 23.90
CA PRO D 151 16.34 -26.59 25.33
C PRO D 151 17.31 -25.58 25.90
N PRO D 152 16.97 -24.95 27.04
CA PRO D 152 17.90 -23.99 27.64
C PRO D 152 19.25 -24.57 28.01
N SER D 153 19.30 -25.86 28.37
CA SER D 153 20.52 -26.49 28.82
C SER D 153 20.69 -27.87 28.21
N ALA D 154 21.95 -28.25 28.01
CA ALA D 154 22.34 -29.58 27.56
C ALA D 154 23.64 -29.95 28.26
N SER D 155 23.89 -31.24 28.38
CA SER D 155 25.07 -31.70 29.11
C SER D 155 25.65 -32.97 28.49
N GLY D 156 26.94 -33.15 28.70
CA GLY D 156 27.62 -34.38 28.37
C GLY D 156 28.97 -34.38 29.07
N THR D 157 29.61 -35.53 29.05
CA THR D 157 30.96 -35.66 29.59
C THR D 157 31.98 -35.75 28.46
N PRO D 158 33.26 -35.52 28.77
CA PRO D 158 34.28 -35.50 27.71
C PRO D 158 34.29 -36.78 26.89
N GLY D 159 34.39 -36.62 25.58
CA GLY D 159 34.45 -37.73 24.65
C GLY D 159 33.11 -38.21 24.14
N GLN D 160 32.02 -37.82 24.81
CA GLN D 160 30.69 -38.28 24.45
C GLN D 160 30.07 -37.35 23.40
N ARG D 161 28.87 -37.71 22.94
CA ARG D 161 28.11 -36.94 21.98
C ARG D 161 26.93 -36.26 22.66
N VAL D 162 26.71 -34.98 22.37
CA VAL D 162 25.51 -34.27 22.80
C VAL D 162 24.73 -33.86 21.56
N THR D 163 23.42 -33.70 21.71
CA THR D 163 22.56 -33.21 20.65
C THR D 163 21.72 -32.05 21.18
N ILE D 164 21.57 -31.03 20.35
CA ILE D 164 20.85 -29.79 20.68
C ILE D 164 19.78 -29.60 19.63
N SER D 165 18.52 -29.48 20.06
CA SER D 165 17.40 -29.37 19.14
C SER D 165 16.95 -27.92 18.98
N CYS D 166 16.26 -27.69 17.86
CA CYS D 166 15.74 -26.37 17.48
C CYS D 166 14.40 -26.62 16.81
N SER D 167 13.31 -26.24 17.47
CA SER D 167 11.96 -26.52 16.98
C SER D 167 11.31 -25.25 16.43
N GLY D 168 10.75 -25.37 15.24
CA GLY D 168 10.16 -24.23 14.53
C GLY D 168 8.81 -24.59 13.93
N SER D 169 8.54 -24.01 12.76
CA SER D 169 7.26 -24.17 12.07
C SER D 169 7.54 -24.39 10.59
N SER D 170 6.46 -24.54 9.82
CA SER D 170 6.63 -24.73 8.38
C SER D 170 7.09 -23.46 7.67
N SER D 171 7.01 -22.30 8.32
CA SER D 171 7.39 -21.07 7.67
C SER D 171 8.85 -20.71 7.87
N ASN D 172 9.53 -21.30 8.87
CA ASN D 172 10.96 -21.01 9.04
C ASN D 172 11.85 -22.23 8.80
N ILE D 173 11.80 -23.25 9.67
CA ILE D 173 12.83 -24.28 9.58
C ILE D 173 12.60 -25.18 8.38
N ARG D 174 11.35 -25.54 8.12
CA ARG D 174 11.06 -26.52 7.08
C ARG D 174 11.45 -26.01 5.70
N VAL D 175 11.24 -24.72 5.43
CA VAL D 175 11.41 -24.19 4.07
C VAL D 175 12.63 -23.31 3.90
N ASN D 176 13.26 -22.84 4.98
CA ASN D 176 14.42 -21.97 4.86
C ASN D 176 15.65 -22.66 5.41
N TYR D 177 16.80 -22.24 4.92
CA TYR D 177 18.06 -22.76 5.42
C TYR D 177 18.23 -22.40 6.88
N VAL D 178 18.79 -23.33 7.64
CA VAL D 178 19.02 -23.16 9.07
C VAL D 178 20.50 -22.87 9.30
N TYR D 179 20.77 -22.01 10.25
CA TYR D 179 22.12 -21.62 10.61
C TYR D 179 22.31 -21.84 12.10
N TRP D 180 23.52 -22.22 12.48
CA TRP D 180 23.88 -22.38 13.89
C TRP D 180 25.05 -21.44 14.19
N TYR D 181 24.99 -20.80 15.36
CA TYR D 181 25.97 -19.85 15.85
C TYR D 181 26.44 -20.29 17.22
N GLN D 182 27.74 -20.18 17.46
CA GLN D 182 28.36 -20.51 18.74
C GLN D 182 28.82 -19.22 19.40
N GLN D 183 28.50 -19.08 20.68
CA GLN D 183 28.88 -17.93 21.49
C GLN D 183 29.68 -18.46 22.67
N ILE D 184 31.00 -18.37 22.56
CA ILE D 184 31.86 -18.59 23.72
C ILE D 184 31.59 -17.47 24.72
N PRO D 185 31.41 -17.78 26.01
CA PRO D 185 31.05 -16.71 26.95
C PRO D 185 32.01 -15.53 26.88
N GLY D 186 31.44 -14.33 26.78
CA GLY D 186 32.20 -13.10 26.75
C GLY D 186 32.47 -12.53 25.38
N THR D 187 32.17 -13.27 24.32
CA THR D 187 32.40 -12.86 22.94
C THR D 187 31.09 -12.88 22.17
N ALA D 188 31.15 -12.40 20.93
CA ALA D 188 29.98 -12.35 20.08
C ALA D 188 29.68 -13.71 19.46
N PRO D 189 28.45 -13.94 19.03
CA PRO D 189 28.14 -15.17 18.28
C PRO D 189 29.00 -15.26 17.02
N LYS D 190 29.34 -16.50 16.66
CA LYS D 190 30.12 -16.78 15.47
C LYS D 190 29.48 -17.92 14.69
N LEU D 191 29.49 -17.80 13.36
CA LEU D 191 28.88 -18.81 12.50
C LEU D 191 29.51 -20.17 12.74
N LEU D 192 28.67 -21.14 13.09
CA LEU D 192 29.09 -22.52 13.28
C LEU D 192 28.65 -23.44 12.15
N ILE D 193 27.41 -23.29 11.69
CA ILE D 193 26.87 -24.12 10.61
C ILE D 193 26.06 -23.22 9.69
N TYR D 194 26.21 -23.43 8.37
CA TYR D 194 25.42 -22.70 7.39
C TYR D 194 24.71 -23.66 6.45
N ARG D 195 23.59 -23.19 5.90
CA ARG D 195 22.77 -23.95 4.95
C ARG D 195 22.53 -25.37 5.43
N ASN D 196 22.03 -25.46 6.66
CA ASN D 196 21.55 -26.64 7.36
C ASN D 196 22.59 -27.62 7.84
N ASP D 197 23.70 -27.76 7.12
CA ASP D 197 24.65 -28.83 7.45
C ASP D 197 26.08 -28.52 7.09
N GLN D 198 26.40 -27.37 6.52
CA GLN D 198 27.72 -27.14 5.99
C GLN D 198 28.58 -26.45 7.05
N ARG D 199 29.86 -26.80 7.07
CA ARG D 199 30.78 -26.31 8.08
C ARG D 199 31.65 -25.24 7.47
N PRO D 200 31.71 -24.03 8.02
CA PRO D 200 32.70 -23.07 7.55
C PRO D 200 34.10 -23.54 7.87
N SER D 201 35.05 -23.12 7.04
CA SER D 201 36.45 -23.45 7.30
C SER D 201 36.81 -23.12 8.74
N GLY D 202 37.47 -24.06 9.42
CA GLY D 202 37.89 -23.88 10.78
C GLY D 202 37.05 -24.58 11.81
N VAL D 203 35.86 -25.05 11.43
CA VAL D 203 34.99 -25.81 12.33
C VAL D 203 35.24 -27.29 12.08
N PRO D 204 35.66 -28.06 13.08
CA PRO D 204 35.96 -29.48 12.86
C PRO D 204 34.69 -30.29 12.62
N ASP D 205 34.90 -31.49 12.07
CA ASP D 205 33.78 -32.34 11.70
C ASP D 205 33.07 -32.95 12.91
N ARG D 206 33.62 -32.77 14.12
CA ARG D 206 32.89 -33.20 15.31
C ARG D 206 31.53 -32.52 15.40
N PHE D 207 31.42 -31.33 14.80
CA PHE D 207 30.18 -30.58 14.73
C PHE D 207 29.42 -31.01 13.49
N SER D 208 28.22 -31.56 13.66
CA SER D 208 27.36 -31.94 12.55
C SER D 208 25.97 -31.38 12.80
N ALA D 209 25.18 -31.26 11.73
CA ALA D 209 23.86 -30.68 11.86
C ALA D 209 22.93 -31.30 10.82
N SER D 210 21.63 -31.24 11.13
CA SER D 210 20.63 -31.88 10.29
C SER D 210 19.28 -31.20 10.50
N LYS D 211 18.35 -31.49 9.58
CA LYS D 211 17.01 -30.92 9.59
C LYS D 211 16.01 -31.99 9.20
N SER D 212 14.90 -32.08 9.94
CA SER D 212 13.82 -33.00 9.62
C SER D 212 12.47 -32.35 9.94
N GLY D 213 11.64 -32.20 8.92
CA GLY D 213 10.34 -31.57 9.11
C GLY D 213 10.51 -30.14 9.59
N THR D 214 9.93 -29.84 10.76
CA THR D 214 9.98 -28.51 11.34
C THR D 214 11.01 -28.41 12.46
N SER D 215 11.89 -29.39 12.61
CA SER D 215 12.94 -29.30 13.62
C SER D 215 14.31 -29.50 12.98
N ALA D 216 15.34 -29.08 13.71
CA ALA D 216 16.72 -29.22 13.29
C ALA D 216 17.55 -29.52 14.52
N SER D 217 18.75 -30.07 14.31
CA SER D 217 19.56 -30.45 15.45
C SER D 217 21.04 -30.34 15.13
N LEU D 218 21.80 -29.93 16.14
CA LEU D 218 23.25 -29.84 16.10
C LEU D 218 23.81 -30.90 17.04
N ALA D 219 24.63 -31.79 16.50
CA ALA D 219 25.29 -32.82 17.27
C ALA D 219 26.77 -32.49 17.41
N ILE D 220 27.27 -32.59 18.64
CA ILE D 220 28.66 -32.33 18.96
C ILE D 220 29.24 -33.63 19.53
N SER D 221 30.12 -34.26 18.76
CA SER D 221 30.82 -35.47 19.17
C SER D 221 32.17 -35.10 19.79
N GLY D 222 32.77 -36.07 20.47
CA GLY D 222 34.09 -35.90 21.03
C GLY D 222 34.18 -34.69 21.92
N LEU D 223 33.23 -34.59 22.85
CA LEU D 223 33.05 -33.39 23.64
C LEU D 223 34.32 -33.01 24.38
N ARG D 224 34.55 -31.70 24.49
CA ARG D 224 35.71 -31.14 25.16
C ARG D 224 35.28 -29.95 25.98
N SER D 225 36.12 -29.60 26.97
CA SER D 225 35.81 -28.48 27.83
C SER D 225 35.71 -27.18 27.03
N GLN D 226 36.42 -27.12 25.90
CA GLN D 226 36.43 -25.94 25.05
C GLN D 226 35.10 -25.71 24.35
N ASP D 227 34.19 -26.68 24.39
CA ASP D 227 32.88 -26.54 23.75
C ASP D 227 31.85 -25.89 24.66
N GLU D 228 32.12 -25.79 25.97
CA GLU D 228 31.17 -25.19 26.90
C GLU D 228 30.79 -23.80 26.40
N ALA D 229 29.53 -23.59 26.03
CA ALA D 229 29.20 -22.33 25.37
C ALA D 229 27.72 -22.30 25.04
N ASP D 230 27.25 -21.15 24.54
CA ASP D 230 25.87 -21.02 24.11
C ASP D 230 25.76 -21.30 22.62
N TYR D 231 24.77 -22.10 22.25
CA TYR D 231 24.52 -22.43 20.85
C TYR D 231 23.14 -21.96 20.45
N TYR D 232 23.06 -21.24 19.33
CA TYR D 232 21.82 -20.65 18.87
C TYR D 232 21.56 -21.14 17.46
N CYS D 233 20.33 -21.55 17.19
CA CYS D 233 19.90 -21.75 15.82
C CYS D 233 19.21 -20.46 15.32
N ALA D 234 19.09 -20.36 14.01
CA ALA D 234 18.47 -19.19 13.41
C ALA D 234 18.00 -19.57 12.01
N ALA D 235 16.92 -18.92 11.59
CA ALA D 235 16.40 -19.13 10.24
C ALA D 235 15.45 -18.00 9.87
N TRP D 236 15.32 -17.75 8.58
CA TRP D 236 14.35 -16.80 8.08
C TRP D 236 12.94 -17.35 8.28
N ASP D 237 12.03 -16.49 8.72
CA ASP D 237 10.63 -16.85 8.93
C ASP D 237 9.84 -16.09 7.87
N ASP D 238 9.25 -16.86 6.94
CA ASP D 238 8.46 -16.27 5.88
C ASP D 238 7.15 -15.71 6.39
N SER D 239 6.72 -16.18 7.57
CA SER D 239 5.49 -15.66 8.16
C SER D 239 5.70 -14.26 8.75
N LEU D 240 6.80 -14.06 9.45
CA LEU D 240 7.12 -12.76 10.01
C LEU D 240 7.92 -11.90 9.04
N THR D 241 8.43 -12.49 7.96
CA THR D 241 9.29 -11.78 7.02
C THR D 241 10.53 -11.25 7.73
N GLY D 242 11.33 -12.18 8.23
CA GLY D 242 12.58 -11.80 8.84
C GLY D 242 13.24 -12.93 9.60
N PRO D 243 14.51 -12.74 9.97
CA PRO D 243 15.21 -13.80 10.70
C PRO D 243 14.70 -13.94 12.13
N VAL D 244 14.68 -15.19 12.60
CA VAL D 244 14.36 -15.50 13.98
C VAL D 244 15.45 -16.38 14.55
N PHE D 245 15.81 -16.12 15.79
CA PHE D 245 16.78 -16.93 16.53
C PHE D 245 16.05 -17.87 17.47
N GLY D 246 16.72 -18.97 17.79
CA GLY D 246 16.26 -19.81 18.88
C GLY D 246 16.63 -19.21 20.23
N GLY D 247 16.04 -19.78 21.28
CA GLY D 247 16.28 -19.27 22.62
C GLY D 247 17.70 -19.48 23.11
N GLY D 248 18.43 -20.38 22.49
CA GLY D 248 19.78 -20.65 22.91
C GLY D 248 19.86 -21.85 23.84
N THR D 249 20.97 -22.57 23.76
CA THR D 249 21.26 -23.68 24.66
C THR D 249 22.63 -23.48 25.29
N LYS D 250 22.68 -23.43 26.61
CA LYS D 250 23.94 -23.37 27.33
C LYS D 250 24.47 -24.79 27.49
N LEU D 251 25.51 -25.14 26.73
CA LEU D 251 26.12 -26.46 26.78
C LEU D 251 27.18 -26.48 27.87
N THR D 252 27.02 -27.41 28.81
CA THR D 252 27.93 -27.63 29.93
C THR D 252 28.58 -28.99 29.81
N VAL D 253 29.89 -29.04 30.02
CA VAL D 253 30.64 -30.29 29.99
C VAL D 253 31.05 -30.62 31.42
N LEU D 254 30.58 -31.75 31.92
CA LEU D 254 30.87 -32.18 33.28
C LEU D 254 32.11 -33.06 33.27
N GLY D 255 32.97 -32.86 34.26
CA GLY D 255 34.24 -33.56 34.27
C GLY D 255 34.67 -34.07 35.63
N THR D 256 35.18 -35.30 35.66
CA THR D 256 35.62 -35.92 36.89
C THR D 256 37.10 -35.68 37.13
#